data_3TFT
#
_entry.id   3TFT
#
_cell.length_a   63.057
_cell.length_b   66.385
_cell.length_c   203.130
_cell.angle_alpha   90.00
_cell.angle_beta   90.00
_cell.angle_gamma   90.00
#
_symmetry.space_group_name_H-M   'P 21 21 21'
#
loop_
_entity.id
_entity.type
_entity.pdbx_description
1 polymer 'Adenosylmethionine-8-amino-7-oxononanoate aminotransferase'
2 non-polymer "PYRIDOXAL-5'-PHOSPHATE"
3 non-polymer 'DIMETHYL SULFOXIDE'
4 water water
#
_entity_poly.entity_id   1
_entity_poly.type   'polypeptide(L)'
_entity_poly.pdbx_seq_one_letter_code
;MGSSHHHHHHSSGLVPRGSHMAAATGGLTPEQIIAVDGAHLWHPYSSIGREAVSPVVAVAAHGAWLTLIRDGQPIEVLDA
MSSWWTAIHGHGHPALDQALTTQLRVMNHVMFGGLTHEPAARLAKLLVDITPAGLDTVFFSDSGSVSVEVAAKMALQYWR
GRGLPGKRRLMTWRGGYHGDTFLAMSICDPHGGMHSLWTDVLAAQVFAPQVPRDYDPAYSAAFEAQLAQHAGELAAVVVE
PVVQGAGGMRFHDPRYLHDLRDICRRYEVLLIFDEIATGFGRTGALFAADHAGVSPDIMCVGKALTGGYLSLAATLCTAD
VAHTISAGAAGALMHGPTFMANPLACAVSVASVELLLGQDWRTRITELAAGLTAGLDTARALPAVTDVRVCGAIGVIECD
RPVDLAVATPAALDRGVWLRPFRNLVYAMPPYICTPAEITQITSAMVEVARLVGSLP
;
_entity_poly.pdbx_strand_id   A,B
#
# COMPACT_ATOMS: atom_id res chain seq x y z
N LEU A 28 -24.27 8.13 -11.55
CA LEU A 28 -23.65 9.09 -12.43
C LEU A 28 -23.59 8.62 -13.86
N THR A 29 -23.94 9.50 -14.80
CA THR A 29 -23.79 9.20 -16.21
C THR A 29 -22.32 9.40 -16.55
N PRO A 30 -21.89 8.92 -17.73
CA PRO A 30 -20.51 9.13 -18.19
C PRO A 30 -20.11 10.60 -18.24
N GLU A 31 -21.00 11.47 -18.71
CA GLU A 31 -20.68 12.88 -18.77
C GLU A 31 -20.46 13.44 -17.36
N GLN A 32 -21.28 12.97 -16.43
CA GLN A 32 -21.14 13.37 -15.03
C GLN A 32 -19.84 12.85 -14.40
N ILE A 33 -19.50 11.60 -14.70
CA ILE A 33 -18.23 11.04 -14.23
C ILE A 33 -17.07 11.88 -14.71
N ILE A 34 -17.05 12.19 -16.01
CA ILE A 34 -15.98 13.01 -16.59
C ILE A 34 -15.89 14.37 -15.87
N ALA A 35 -17.04 14.95 -15.58
CA ALA A 35 -17.07 16.24 -14.90
C ALA A 35 -16.46 16.17 -13.49
N VAL A 36 -16.86 15.16 -12.72
CA VAL A 36 -16.34 14.99 -11.37
C VAL A 36 -14.84 14.73 -11.41
N ASP A 37 -14.44 13.85 -12.33
CA ASP A 37 -13.06 13.44 -12.48
C ASP A 37 -12.12 14.61 -12.79
N GLY A 38 -12.52 15.47 -13.74
CA GLY A 38 -11.69 16.61 -14.08
C GLY A 38 -11.58 17.60 -12.94
N ALA A 39 -12.63 17.68 -12.13
CA ALA A 39 -12.64 18.62 -11.02
C ALA A 39 -11.88 18.11 -9.78
N HIS A 40 -11.92 16.81 -9.53
CA HIS A 40 -11.52 16.29 -8.22
C HIS A 40 -10.52 15.13 -8.18
N LEU A 41 -10.27 14.47 -9.31
CA LEU A 41 -9.45 13.27 -9.26
C LEU A 41 -8.04 13.46 -9.80
N TRP A 42 -7.04 13.11 -8.98
CA TRP A 42 -5.68 13.09 -9.47
CA TRP A 42 -5.65 13.05 -9.43
C TRP A 42 -5.42 11.73 -10.14
N HIS A 43 -4.86 11.77 -11.35
CA HIS A 43 -4.51 10.52 -12.02
C HIS A 43 -3.01 10.22 -11.91
N PRO A 44 -2.61 8.96 -12.18
CA PRO A 44 -1.21 8.56 -12.03
C PRO A 44 -0.28 9.42 -12.87
N TYR A 45 0.83 9.87 -12.30
CA TYR A 45 1.92 10.50 -13.06
C TYR A 45 1.45 11.69 -13.87
N SER A 46 0.56 12.49 -13.29
CA SER A 46 -0.06 13.57 -14.05
C SER A 46 -0.18 14.84 -13.25
N SER A 47 -0.65 15.87 -13.94
CA SER A 47 -0.95 17.14 -13.33
CA SER A 47 -0.94 17.14 -13.31
C SER A 47 -2.44 17.22 -13.11
N ILE A 48 -2.89 18.26 -12.42
CA ILE A 48 -4.31 18.50 -12.25
C ILE A 48 -4.65 19.66 -13.17
N GLY A 49 -5.75 19.53 -13.91
CA GLY A 49 -6.17 20.58 -14.81
C GLY A 49 -5.33 20.67 -16.07
N SER A 54 -8.02 14.15 -21.04
CA SER A 54 -9.25 13.60 -20.46
C SER A 54 -9.24 12.07 -20.47
N PRO A 55 -9.59 11.45 -19.32
CA PRO A 55 -9.62 9.98 -19.27
C PRO A 55 -10.86 9.49 -19.99
N VAL A 56 -10.86 8.23 -20.38
CA VAL A 56 -12.01 7.58 -20.99
C VAL A 56 -12.79 6.88 -19.87
N VAL A 57 -14.12 6.98 -19.87
CA VAL A 57 -14.90 6.31 -18.83
C VAL A 57 -15.02 4.80 -19.11
N ALA A 58 -14.65 3.98 -18.12
CA ALA A 58 -14.82 2.53 -18.19
C ALA A 58 -16.06 2.13 -17.40
N VAL A 59 -16.93 1.32 -17.99
CA VAL A 59 -18.19 0.98 -17.34
C VAL A 59 -18.37 -0.50 -17.01
N ALA A 60 -17.54 -1.35 -17.60
CA ALA A 60 -17.61 -2.79 -17.33
C ALA A 60 -16.34 -3.48 -17.76
N ALA A 61 -16.11 -4.67 -17.22
CA ALA A 61 -14.97 -5.48 -17.61
C ALA A 61 -15.34 -6.95 -17.47
N HIS A 62 -15.14 -7.70 -18.54
CA HIS A 62 -15.52 -9.10 -18.54
CA HIS A 62 -15.51 -9.10 -18.54
C HIS A 62 -14.54 -9.87 -19.41
N GLY A 63 -13.89 -10.89 -18.82
CA GLY A 63 -12.89 -11.64 -19.54
C GLY A 63 -11.76 -10.73 -19.99
N ALA A 64 -11.40 -10.79 -21.28
CA ALA A 64 -10.29 -9.98 -21.78
C ALA A 64 -10.75 -8.60 -22.26
N TRP A 65 -12.03 -8.30 -22.08
CA TRP A 65 -12.65 -7.11 -22.66
C TRP A 65 -13.10 -6.04 -21.66
N LEU A 66 -12.83 -4.78 -22.00
CA LEU A 66 -13.38 -3.63 -21.27
C LEU A 66 -14.53 -3.04 -22.08
N THR A 67 -15.56 -2.56 -21.39
CA THR A 67 -16.54 -1.71 -22.03
C THR A 67 -16.23 -0.26 -21.68
N LEU A 68 -15.87 0.51 -22.71
CA LEU A 68 -15.52 1.91 -22.54
C LEU A 68 -16.57 2.79 -23.23
N ILE A 69 -16.62 4.05 -22.84
CA ILE A 69 -17.57 4.97 -23.47
C ILE A 69 -16.81 5.91 -24.40
N ARG A 70 -17.15 5.88 -25.68
CA ARG A 70 -16.50 6.76 -26.64
C ARG A 70 -17.58 7.53 -27.40
N ASP A 71 -17.46 8.85 -27.42
CA ASP A 71 -18.47 9.70 -28.07
C ASP A 71 -19.88 9.26 -27.68
N GLY A 72 -20.10 9.11 -26.38
CA GLY A 72 -21.42 8.79 -25.86
C GLY A 72 -21.90 7.36 -26.04
N GLN A 73 -21.10 6.51 -26.67
CA GLN A 73 -21.53 5.13 -26.92
C GLN A 73 -20.57 4.10 -26.29
N PRO A 74 -21.12 3.01 -25.73
CA PRO A 74 -20.33 1.91 -25.19
C PRO A 74 -19.62 1.14 -26.30
N ILE A 75 -18.33 0.86 -26.12
CA ILE A 75 -17.57 0.05 -27.07
C ILE A 75 -16.79 -1.02 -26.33
N GLU A 76 -16.64 -2.18 -26.96
CA GLU A 76 -15.86 -3.29 -26.40
C GLU A 76 -14.43 -3.23 -26.91
N VAL A 77 -13.45 -3.16 -26.01
CA VAL A 77 -12.04 -3.21 -26.44
C VAL A 77 -11.22 -4.23 -25.63
N LEU A 78 -10.21 -4.82 -26.26
CA LEU A 78 -9.34 -5.77 -25.56
C LEU A 78 -8.42 -5.04 -24.57
N ASP A 79 -8.31 -5.61 -23.36
CA ASP A 79 -7.43 -5.09 -22.31
C ASP A 79 -6.01 -5.65 -22.58
N ALA A 80 -5.33 -5.04 -23.55
CA ALA A 80 -4.05 -5.55 -24.01
C ALA A 80 -2.97 -5.38 -22.96
N MET A 81 -3.25 -4.53 -21.98
CA MET A 81 -2.29 -4.21 -20.93
C MET A 81 -2.51 -5.05 -19.66
N SER A 82 -3.52 -5.93 -19.68
CA SER A 82 -4.01 -6.61 -18.49
C SER A 82 -4.16 -5.65 -17.31
N SER A 83 -4.65 -4.44 -17.58
CA SER A 83 -4.88 -3.46 -16.51
C SER A 83 -3.60 -3.24 -15.68
N TRP A 84 -2.55 -2.82 -16.39
CA TRP A 84 -1.20 -2.67 -15.84
C TRP A 84 -0.68 -3.96 -15.23
N TRP A 85 -0.77 -5.03 -16.01
CA TRP A 85 0.00 -6.24 -15.76
C TRP A 85 -0.60 -7.08 -14.63
N THR A 86 -1.84 -6.82 -14.28
CA THR A 86 -2.46 -7.51 -13.15
C THR A 86 -3.42 -8.63 -13.55
N ALA A 87 -4.25 -8.35 -14.55
CA ALA A 87 -5.42 -9.19 -14.85
C ALA A 87 -5.07 -10.46 -15.63
N ILE A 88 -4.24 -11.33 -15.08
CA ILE A 88 -3.70 -12.46 -15.86
C ILE A 88 -4.77 -13.47 -16.30
N HIS A 89 -5.85 -13.55 -15.54
CA HIS A 89 -6.93 -14.47 -15.86
C HIS A 89 -8.11 -13.74 -16.48
N GLY A 90 -7.91 -12.46 -16.81
CA GLY A 90 -9.01 -11.65 -17.29
C GLY A 90 -9.90 -11.19 -16.17
N HIS A 91 -10.93 -10.42 -16.49
CA HIS A 91 -11.79 -9.79 -15.49
C HIS A 91 -13.01 -10.67 -15.24
N GLY A 92 -13.51 -10.68 -14.01
CA GLY A 92 -14.74 -11.39 -13.74
C GLY A 92 -14.64 -12.88 -14.02
N HIS A 93 -13.51 -13.48 -13.65
CA HIS A 93 -13.39 -14.92 -13.78
C HIS A 93 -14.21 -15.58 -12.68
N PRO A 94 -15.05 -16.57 -13.04
CA PRO A 94 -15.96 -17.19 -12.06
C PRO A 94 -15.26 -17.75 -10.82
N ALA A 95 -14.09 -18.36 -11.01
CA ALA A 95 -13.35 -18.95 -9.89
C ALA A 95 -12.86 -17.88 -8.90
N LEU A 96 -12.40 -16.74 -9.42
CA LEU A 96 -11.94 -15.65 -8.57
C LEU A 96 -13.12 -14.91 -7.92
N ASP A 97 -14.14 -14.61 -8.72
CA ASP A 97 -15.34 -13.97 -8.20
C ASP A 97 -15.89 -14.77 -7.02
N GLN A 98 -15.98 -16.07 -7.18
CA GLN A 98 -16.55 -16.91 -6.13
C GLN A 98 -15.67 -17.07 -4.90
N ALA A 99 -14.35 -17.08 -5.11
CA ALA A 99 -13.44 -17.11 -3.96
C ALA A 99 -13.66 -15.87 -3.11
N LEU A 100 -13.82 -14.73 -3.77
CA LEU A 100 -14.04 -13.46 -3.09
C LEU A 100 -15.38 -13.44 -2.34
N THR A 101 -16.47 -13.78 -3.02
CA THR A 101 -17.77 -13.78 -2.37
C THR A 101 -17.87 -14.85 -1.26
N THR A 102 -17.24 -16.00 -1.47
CA THR A 102 -17.16 -17.01 -0.42
C THR A 102 -16.46 -16.46 0.84
N GLN A 103 -15.29 -15.85 0.68
CA GLN A 103 -14.61 -15.29 1.85
C GLN A 103 -15.42 -14.16 2.49
N LEU A 104 -16.08 -13.34 1.67
CA LEU A 104 -16.85 -12.19 2.16
C LEU A 104 -17.98 -12.61 3.08
N ARG A 105 -18.52 -13.80 2.83
CA ARG A 105 -19.60 -14.36 3.63
C ARG A 105 -19.11 -14.75 5.03
N VAL A 106 -17.84 -15.14 5.11
CA VAL A 106 -17.24 -15.68 6.32
C VAL A 106 -16.52 -14.64 7.23
N MET A 107 -15.70 -13.80 6.62
CA MET A 107 -14.85 -12.88 7.38
C MET A 107 -14.15 -11.92 6.42
N ASN A 108 -14.58 -10.67 6.43
CA ASN A 108 -13.98 -9.67 5.52
C ASN A 108 -12.53 -9.36 5.84
N HIS A 109 -12.25 -9.13 7.12
CA HIS A 109 -10.93 -8.71 7.58
C HIS A 109 -10.87 -8.79 9.09
N VAL A 110 -9.72 -9.21 9.61
CA VAL A 110 -9.35 -9.03 11.02
C VAL A 110 -7.90 -8.55 11.08
N MET A 111 -7.54 -7.92 12.19
CA MET A 111 -6.18 -7.44 12.42
C MET A 111 -5.22 -8.61 12.57
N PHE A 112 -4.09 -8.54 11.86
CA PHE A 112 -3.13 -9.65 11.87
C PHE A 112 -2.22 -9.63 13.09
N GLY A 113 -2.49 -8.73 14.02
CA GLY A 113 -1.74 -8.67 15.26
C GLY A 113 -2.36 -9.58 16.32
N GLY A 114 -1.73 -10.73 16.55
CA GLY A 114 -2.22 -11.66 17.56
C GLY A 114 -3.21 -12.67 17.00
N LEU A 115 -3.60 -12.47 15.74
CA LEU A 115 -4.53 -13.37 15.07
C LEU A 115 -3.93 -13.87 13.77
N THR A 116 -4.36 -15.06 13.36
CA THR A 116 -4.03 -15.58 12.04
C THR A 116 -5.29 -16.18 11.42
N HIS A 117 -5.22 -16.59 10.16
CA HIS A 117 -6.42 -17.08 9.49
C HIS A 117 -6.13 -17.95 8.27
N GLU A 118 -7.16 -18.64 7.81
CA GLU A 118 -6.99 -19.62 6.74
C GLU A 118 -6.48 -19.04 5.43
N PRO A 119 -7.05 -17.93 4.97
CA PRO A 119 -6.55 -17.35 3.72
C PRO A 119 -5.06 -17.00 3.78
N ALA A 120 -4.59 -16.41 4.87
CA ALA A 120 -3.16 -16.05 4.96
C ALA A 120 -2.31 -17.31 4.92
N ALA A 121 -2.74 -18.34 5.64
CA ALA A 121 -1.98 -19.56 5.75
C ALA A 121 -1.96 -20.31 4.41
N ARG A 122 -3.13 -20.43 3.78
CA ARG A 122 -3.17 -21.10 2.47
C ARG A 122 -2.28 -20.41 1.43
N LEU A 123 -2.32 -19.08 1.40
CA LEU A 123 -1.50 -18.33 0.44
C LEU A 123 0.00 -18.43 0.77
N ALA A 124 0.36 -18.29 2.03
CA ALA A 124 1.77 -18.41 2.42
C ALA A 124 2.31 -19.75 2.00
N LYS A 125 1.52 -20.80 2.25
CA LYS A 125 1.92 -22.15 1.90
C LYS A 125 2.16 -22.30 0.40
N LEU A 126 1.23 -21.77 -0.40
CA LEU A 126 1.37 -21.78 -1.86
C LEU A 126 2.62 -21.03 -2.30
N LEU A 127 2.81 -19.81 -1.79
CA LEU A 127 3.92 -18.99 -2.24
C LEU A 127 5.24 -19.61 -1.90
N VAL A 128 5.34 -20.12 -0.67
CA VAL A 128 6.58 -20.73 -0.23
C VAL A 128 6.91 -21.92 -1.12
N ASP A 129 5.87 -22.61 -1.58
CA ASP A 129 6.08 -23.81 -2.39
C ASP A 129 6.45 -23.53 -3.85
N ILE A 130 5.98 -22.42 -4.41
CA ILE A 130 6.17 -22.18 -5.84
C ILE A 130 7.31 -21.21 -6.18
N THR A 131 7.79 -20.46 -5.21
CA THR A 131 8.88 -19.50 -5.44
C THR A 131 10.23 -20.22 -5.42
N PRO A 132 11.28 -19.52 -5.86
CA PRO A 132 12.63 -20.13 -5.86
C PRO A 132 12.97 -20.76 -4.51
N ALA A 133 13.66 -21.88 -4.55
CA ALA A 133 13.90 -22.66 -3.34
C ALA A 133 14.60 -21.84 -2.27
N GLY A 134 14.20 -22.05 -1.02
CA GLY A 134 14.84 -21.40 0.11
C GLY A 134 14.06 -20.22 0.66
N LEU A 135 13.08 -19.76 -0.11
CA LEU A 135 12.27 -18.64 0.35
C LEU A 135 11.14 -19.19 1.20
N ASP A 136 11.32 -19.17 2.52
CA ASP A 136 10.46 -19.91 3.45
C ASP A 136 9.56 -19.06 4.33
N THR A 137 9.69 -17.73 4.25
CA THR A 137 8.86 -16.87 5.10
C THR A 137 8.22 -15.77 4.26
N VAL A 138 7.05 -15.32 4.69
CA VAL A 138 6.21 -14.45 3.87
C VAL A 138 5.67 -13.28 4.69
N PHE A 139 5.97 -12.07 4.24
CA PHE A 139 5.45 -10.85 4.86
C PHE A 139 4.49 -10.18 3.87
N PHE A 140 3.19 -10.19 4.20
CA PHE A 140 2.18 -9.59 3.32
C PHE A 140 2.08 -8.09 3.55
N SER A 141 1.92 -7.33 2.47
CA SER A 141 1.66 -5.90 2.55
C SER A 141 0.61 -5.53 1.50
N ASP A 142 0.32 -4.24 1.35
CA ASP A 142 -0.83 -3.87 0.53
C ASP A 142 -0.44 -3.38 -0.85
N SER A 143 0.84 -3.11 -1.07
CA SER A 143 1.28 -2.68 -2.40
C SER A 143 2.72 -3.05 -2.73
N GLY A 144 3.03 -3.04 -4.02
CA GLY A 144 4.38 -3.35 -4.48
C GLY A 144 5.45 -2.45 -3.91
N SER A 145 5.20 -1.15 -3.88
CA SER A 145 6.19 -0.22 -3.36
C SER A 145 6.47 -0.50 -1.89
N VAL A 146 5.43 -0.78 -1.12
CA VAL A 146 5.61 -1.17 0.28
C VAL A 146 6.42 -2.45 0.43
N SER A 147 6.17 -3.43 -0.44
CA SER A 147 6.88 -4.68 -0.30
C SER A 147 8.35 -4.47 -0.56
N VAL A 148 8.66 -3.48 -1.39
CA VAL A 148 10.06 -3.18 -1.69
C VAL A 148 10.75 -2.55 -0.50
N GLU A 149 10.05 -1.64 0.17
CA GLU A 149 10.56 -1.07 1.42
C GLU A 149 10.74 -2.13 2.49
N VAL A 150 9.81 -3.08 2.54
CA VAL A 150 9.92 -4.20 3.48
C VAL A 150 11.18 -5.02 3.19
N ALA A 151 11.43 -5.28 1.91
CA ALA A 151 12.63 -6.02 1.50
C ALA A 151 13.88 -5.28 1.95
N ALA A 152 13.88 -3.96 1.78
CA ALA A 152 15.04 -3.16 2.15
C ALA A 152 15.25 -3.21 3.67
N LYS A 153 14.14 -3.14 4.40
CA LYS A 153 14.17 -3.16 5.86
C LYS A 153 14.70 -4.51 6.35
N MET A 154 14.27 -5.57 5.69
CA MET A 154 14.80 -6.90 6.00
C MET A 154 16.30 -6.92 5.84
N ALA A 155 16.78 -6.39 4.72
CA ALA A 155 18.21 -6.45 4.44
C ALA A 155 19.00 -5.65 5.47
N LEU A 156 18.56 -4.42 5.74
CA LEU A 156 19.24 -3.60 6.74
C LEU A 156 19.22 -4.23 8.13
N GLN A 157 18.05 -4.72 8.56
CA GLN A 157 17.92 -5.34 9.87
C GLN A 157 18.75 -6.61 9.97
N TYR A 158 18.85 -7.32 8.87
CA TYR A 158 19.67 -8.53 8.82
C TYR A 158 21.12 -8.20 9.21
N TRP A 159 21.71 -7.22 8.54
CA TRP A 159 23.10 -6.91 8.81
C TRP A 159 23.31 -6.32 10.19
N ARG A 160 22.35 -5.50 10.63
CA ARG A 160 22.36 -5.04 12.02
C ARG A 160 22.35 -6.24 12.97
N GLY A 161 21.60 -7.27 12.60
CA GLY A 161 21.60 -8.51 13.37
C GLY A 161 22.93 -9.25 13.36
N ARG A 162 23.75 -9.02 12.33
CA ARG A 162 25.07 -9.67 12.26
C ARG A 162 26.14 -8.82 12.91
N GLY A 163 25.75 -7.64 13.41
CA GLY A 163 26.71 -6.70 13.97
C GLY A 163 27.46 -5.91 12.92
N LEU A 164 26.87 -5.75 11.75
CA LEU A 164 27.49 -4.95 10.70
C LEU A 164 26.56 -3.85 10.17
N PRO A 165 26.20 -2.88 11.03
CA PRO A 165 25.26 -1.80 10.67
C PRO A 165 25.76 -0.85 9.58
N GLY A 166 27.04 -0.96 9.22
CA GLY A 166 27.58 -0.16 8.14
C GLY A 166 27.09 -0.64 6.77
N LYS A 167 26.57 -1.86 6.73
CA LYS A 167 26.04 -2.41 5.47
C LYS A 167 24.60 -1.91 5.32
N ARG A 168 24.44 -0.74 4.72
CA ARG A 168 23.14 -0.11 4.68
C ARG A 168 22.78 0.49 3.32
N ARG A 169 23.70 0.42 2.36
CA ARG A 169 23.41 0.91 1.01
C ARG A 169 22.91 -0.21 0.11
N LEU A 170 22.25 0.19 -0.97
CA LEU A 170 21.79 -0.76 -1.98
C LEU A 170 22.55 -0.56 -3.28
N MET A 171 22.72 -1.63 -4.03
CA MET A 171 23.29 -1.55 -5.36
C MET A 171 22.32 -2.11 -6.38
N THR A 172 22.26 -1.48 -7.55
CA THR A 172 21.42 -1.99 -8.62
C THR A 172 22.08 -1.62 -9.95
N TRP A 173 21.50 -2.06 -11.06
CA TRP A 173 21.95 -1.62 -12.38
C TRP A 173 20.96 -0.60 -12.93
N ARG A 174 21.39 0.21 -13.89
CA ARG A 174 20.50 1.25 -14.39
C ARG A 174 19.34 0.64 -15.17
N GLY A 175 18.35 1.47 -15.50
CA GLY A 175 17.20 1.02 -16.26
C GLY A 175 16.08 0.47 -15.41
N GLY A 176 16.23 0.54 -14.09
CA GLY A 176 15.32 -0.15 -13.19
C GLY A 176 14.17 0.69 -12.64
N TYR A 177 13.18 0.00 -12.09
CA TYR A 177 12.04 0.64 -11.45
C TYR A 177 11.54 -0.26 -10.31
N HIS A 178 11.28 0.33 -9.15
CA HIS A 178 10.89 -0.46 -7.99
C HIS A 178 9.76 0.17 -7.16
N GLY A 179 9.04 1.11 -7.74
CA GLY A 179 7.96 1.76 -7.02
C GLY A 179 8.18 3.23 -6.74
N ASP A 180 7.24 3.85 -6.04
CA ASP A 180 7.18 5.30 -5.95
C ASP A 180 7.36 5.87 -4.53
N THR A 181 7.43 5.01 -3.53
CA THR A 181 7.79 5.48 -2.18
C THR A 181 9.28 5.89 -2.13
N PHE A 182 9.65 6.74 -1.17
CA PHE A 182 10.98 7.36 -1.22
C PHE A 182 12.17 6.38 -1.22
N LEU A 183 12.08 5.28 -0.48
CA LEU A 183 13.16 4.29 -0.53
C LEU A 183 13.18 3.60 -1.89
N ALA A 184 12.01 3.18 -2.36
CA ALA A 184 11.89 2.58 -3.70
C ALA A 184 12.44 3.49 -4.79
N MET A 185 12.14 4.79 -4.69
CA MET A 185 12.61 5.75 -5.68
C MET A 185 14.14 5.77 -5.77
N SER A 186 14.81 5.58 -4.64
CA SER A 186 16.28 5.70 -4.57
C SER A 186 16.99 4.69 -5.46
N ILE A 187 16.29 3.65 -5.89
CA ILE A 187 16.91 2.65 -6.77
C ILE A 187 16.30 2.65 -8.18
N CYS A 188 15.42 3.61 -8.46
CA CYS A 188 14.95 3.88 -9.82
C CYS A 188 16.10 4.45 -10.62
N ASP A 189 16.07 4.19 -11.93
CA ASP A 189 17.10 4.73 -12.82
C ASP A 189 17.22 6.24 -12.61
N PRO A 190 18.43 6.71 -12.26
CA PRO A 190 18.59 8.11 -11.81
C PRO A 190 18.60 9.17 -12.91
N HIS A 191 18.86 8.79 -14.16
CA HIS A 191 18.82 9.78 -15.23
C HIS A 191 17.61 9.63 -16.13
N GLY A 192 17.43 8.44 -16.68
CA GLY A 192 16.28 8.21 -17.54
C GLY A 192 15.01 7.84 -16.80
N GLY A 193 15.11 7.59 -15.50
CA GLY A 193 13.97 7.12 -14.73
C GLY A 193 12.94 8.18 -14.40
N MET A 194 11.74 7.74 -14.01
CA MET A 194 10.67 8.69 -13.74
C MET A 194 10.94 9.54 -12.50
N HIS A 195 11.79 9.05 -11.61
CA HIS A 195 12.04 9.79 -10.38
C HIS A 195 13.31 10.65 -10.41
N SER A 196 13.79 10.94 -11.62
CA SER A 196 15.07 11.65 -11.80
C SER A 196 15.17 12.99 -11.08
N LEU A 197 14.06 13.71 -10.99
CA LEU A 197 14.08 15.05 -10.43
C LEU A 197 14.25 15.04 -8.92
N TRP A 198 14.10 13.87 -8.30
CA TRP A 198 14.15 13.75 -6.85
C TRP A 198 15.51 13.32 -6.31
N THR A 199 16.46 13.07 -7.20
CA THR A 199 17.71 12.41 -6.82
C THR A 199 18.43 13.10 -5.64
N ASP A 200 18.31 14.42 -5.57
CA ASP A 200 18.94 15.19 -4.50
C ASP A 200 18.39 14.92 -3.09
N VAL A 201 17.19 14.38 -2.98
CA VAL A 201 16.59 14.12 -1.66
C VAL A 201 16.49 12.62 -1.32
N LEU A 202 16.88 11.77 -2.26
CA LEU A 202 16.82 10.32 -2.06
C LEU A 202 18.12 9.80 -1.47
N ALA A 203 18.05 8.68 -0.76
CA ALA A 203 19.25 7.97 -0.34
C ALA A 203 20.11 7.77 -1.58
N ALA A 204 21.42 7.91 -1.43
CA ALA A 204 22.30 7.79 -2.59
C ALA A 204 22.82 6.37 -2.70
N GLN A 205 22.35 5.64 -3.70
CA GLN A 205 22.67 4.23 -3.84
C GLN A 205 23.75 4.02 -4.89
N VAL A 206 24.17 2.77 -5.09
CA VAL A 206 25.24 2.44 -6.02
C VAL A 206 24.66 1.90 -7.33
N PHE A 207 24.98 2.53 -8.46
CA PHE A 207 24.48 2.06 -9.75
C PHE A 207 25.55 1.53 -10.70
N ALA A 208 25.35 0.29 -11.16
CA ALA A 208 26.12 -0.23 -12.27
C ALA A 208 25.48 0.22 -13.59
N PRO A 209 26.25 0.18 -14.69
CA PRO A 209 25.69 0.59 -15.99
C PRO A 209 24.50 -0.27 -16.40
N GLN A 210 23.74 0.20 -17.37
CA GLN A 210 22.63 -0.57 -17.94
C GLN A 210 23.02 -2.01 -18.29
N VAL A 211 22.31 -3.01 -17.75
CA VAL A 211 22.58 -4.39 -18.13
C VAL A 211 22.17 -4.61 -19.59
N PRO A 212 23.11 -5.11 -20.41
CA PRO A 212 22.87 -5.31 -21.86
C PRO A 212 21.91 -6.47 -22.13
N ARG A 213 21.32 -6.53 -23.31
CA ARG A 213 20.44 -7.66 -23.65
C ARG A 213 21.22 -8.98 -23.78
N ASP A 214 22.30 -8.95 -24.56
CA ASP A 214 23.11 -10.14 -24.78
C ASP A 214 24.14 -10.31 -23.68
N TYR A 215 24.48 -11.57 -23.38
CA TYR A 215 25.41 -11.84 -22.29
C TYR A 215 26.83 -11.46 -22.66
N ASP A 216 27.44 -10.65 -21.81
CA ASP A 216 28.82 -10.23 -21.99
C ASP A 216 29.54 -10.38 -20.67
N PRO A 217 30.46 -11.34 -20.59
CA PRO A 217 31.21 -11.61 -19.38
C PRO A 217 31.89 -10.35 -18.84
N ALA A 218 32.24 -9.42 -19.72
CA ALA A 218 32.89 -8.19 -19.29
C ALA A 218 31.96 -7.34 -18.42
N TYR A 219 30.65 -7.39 -18.72
CA TYR A 219 29.70 -6.65 -17.90
C TYR A 219 29.70 -7.20 -16.46
N SER A 220 29.64 -8.53 -16.32
CA SER A 220 29.63 -9.16 -15.01
C SER A 220 30.91 -8.85 -14.23
N ALA A 221 32.05 -8.95 -14.90
CA ALA A 221 33.33 -8.66 -14.27
C ALA A 221 33.36 -7.22 -13.75
N ALA A 222 32.81 -6.29 -14.51
CA ALA A 222 32.82 -4.88 -14.10
C ALA A 222 31.86 -4.64 -12.93
N PHE A 223 30.73 -5.33 -12.98
CA PHE A 223 29.76 -5.27 -11.90
C PHE A 223 30.45 -5.73 -10.61
N GLU A 224 31.11 -6.89 -10.68
CA GLU A 224 31.83 -7.43 -9.53
C GLU A 224 32.91 -6.48 -9.01
N ALA A 225 33.64 -5.85 -9.93
CA ALA A 225 34.69 -4.91 -9.52
C ALA A 225 34.10 -3.71 -8.79
N GLN A 226 32.95 -3.24 -9.26
CA GLN A 226 32.28 -2.11 -8.64
C GLN A 226 31.72 -2.48 -7.26
N LEU A 227 31.10 -3.65 -7.19
CA LEU A 227 30.54 -4.13 -5.95
C LEU A 227 31.64 -4.39 -4.93
N ALA A 228 32.77 -4.91 -5.40
CA ALA A 228 33.90 -5.20 -4.52
C ALA A 228 34.29 -3.97 -3.70
N GLN A 229 34.33 -2.81 -4.33
CA GLN A 229 34.80 -1.64 -3.61
C GLN A 229 33.78 -1.07 -2.63
N HIS A 230 32.53 -1.52 -2.71
CA HIS A 230 31.47 -1.03 -1.83
C HIS A 230 30.96 -2.11 -0.90
N ALA A 231 31.54 -3.30 -1.00
CA ALA A 231 30.98 -4.47 -0.33
C ALA A 231 30.69 -4.23 1.16
N GLY A 232 31.60 -3.54 1.84
CA GLY A 232 31.46 -3.29 3.27
C GLY A 232 30.38 -2.29 3.64
N GLU A 233 29.84 -1.57 2.66
CA GLU A 233 28.75 -0.65 2.94
C GLU A 233 27.43 -1.06 2.29
N LEU A 234 27.43 -2.20 1.59
CA LEU A 234 26.26 -2.67 0.86
C LEU A 234 25.46 -3.70 1.63
N ALA A 235 24.18 -3.41 1.87
CA ALA A 235 23.26 -4.41 2.43
C ALA A 235 22.78 -5.42 1.38
N ALA A 236 22.60 -4.96 0.15
CA ALA A 236 21.97 -5.79 -0.87
C ALA A 236 22.13 -5.26 -2.29
N VAL A 237 22.08 -6.19 -3.25
CA VAL A 237 21.87 -5.88 -4.65
C VAL A 237 20.37 -6.10 -4.89
N VAL A 238 19.72 -5.18 -5.58
CA VAL A 238 18.29 -5.29 -5.85
C VAL A 238 18.09 -5.05 -7.32
N VAL A 239 17.45 -6.00 -8.01
CA VAL A 239 17.24 -5.89 -9.45
C VAL A 239 15.93 -6.56 -9.84
N GLU A 240 15.38 -6.16 -10.97
CA GLU A 240 14.31 -6.90 -11.65
C GLU A 240 14.95 -8.00 -12.49
N PRO A 241 14.58 -9.28 -12.24
CA PRO A 241 15.22 -10.35 -13.02
C PRO A 241 14.65 -10.51 -14.44
N VAL A 242 15.55 -10.54 -15.42
CA VAL A 242 15.23 -10.84 -16.82
C VAL A 242 14.52 -9.71 -17.57
N VAL A 243 13.46 -9.17 -16.99
CA VAL A 243 12.72 -8.07 -17.62
C VAL A 243 12.66 -6.85 -16.70
N GLN A 244 13.13 -5.72 -17.21
CA GLN A 244 12.95 -4.45 -16.52
C GLN A 244 11.73 -3.79 -17.14
N GLY A 245 10.70 -3.55 -16.34
CA GLY A 245 9.42 -3.11 -16.87
C GLY A 245 9.28 -1.63 -17.09
N ALA A 246 8.88 -0.91 -16.04
CA ALA A 246 8.53 0.50 -16.15
C ALA A 246 9.70 1.35 -16.59
N GLY A 247 10.91 0.82 -16.42
CA GLY A 247 12.11 1.52 -16.84
C GLY A 247 12.38 1.49 -18.33
N GLY A 248 11.64 0.66 -19.07
CA GLY A 248 11.79 0.61 -20.52
C GLY A 248 11.59 -0.75 -21.18
N MET A 249 10.89 -1.66 -20.51
CA MET A 249 10.60 -2.97 -21.08
C MET A 249 11.83 -3.59 -21.76
N ARG A 250 12.96 -3.58 -21.06
CA ARG A 250 14.22 -4.15 -21.58
C ARG A 250 14.39 -5.56 -21.07
N PHE A 251 14.90 -6.46 -21.93
CA PHE A 251 15.15 -7.84 -21.53
C PHE A 251 16.65 -8.05 -21.41
N HIS A 252 17.10 -8.88 -20.47
CA HIS A 252 18.50 -9.28 -20.44
C HIS A 252 18.67 -10.79 -20.28
N ASP A 253 19.83 -11.28 -20.69
CA ASP A 253 20.13 -12.71 -20.59
C ASP A 253 20.08 -13.18 -19.13
N PRO A 254 19.35 -14.27 -18.86
CA PRO A 254 19.24 -14.82 -17.50
C PRO A 254 20.60 -15.16 -16.88
N ARG A 255 21.61 -15.40 -17.71
CA ARG A 255 22.93 -15.71 -17.18
C ARG A 255 23.49 -14.62 -16.25
N TYR A 256 23.13 -13.36 -16.50
CA TYR A 256 23.54 -12.30 -15.59
C TYR A 256 23.09 -12.57 -14.15
N LEU A 257 21.93 -13.20 -13.99
CA LEU A 257 21.38 -13.47 -12.66
C LEU A 257 22.23 -14.52 -11.94
N HIS A 258 22.78 -15.43 -12.74
CA HIS A 258 23.66 -16.45 -12.20
C HIS A 258 24.91 -15.77 -11.68
N ASP A 259 25.45 -14.83 -12.46
CA ASP A 259 26.62 -14.10 -12.02
C ASP A 259 26.31 -13.26 -10.77
N LEU A 260 25.15 -12.59 -10.77
CA LEU A 260 24.77 -11.80 -9.59
C LEU A 260 24.73 -12.66 -8.34
N ARG A 261 24.15 -13.86 -8.46
CA ARG A 261 24.04 -14.76 -7.32
C ARG A 261 25.43 -15.15 -6.81
N ASP A 262 26.30 -15.51 -7.75
CA ASP A 262 27.69 -15.88 -7.44
C ASP A 262 28.45 -14.75 -6.74
N ILE A 263 28.41 -13.56 -7.36
CA ILE A 263 29.04 -12.38 -6.80
C ILE A 263 28.55 -12.06 -5.39
N CYS A 264 27.22 -12.02 -5.22
CA CYS A 264 26.64 -11.69 -3.93
C CYS A 264 27.04 -12.71 -2.85
N ARG A 265 27.05 -13.97 -3.24
CA ARG A 265 27.45 -15.03 -2.31
C ARG A 265 28.89 -14.80 -1.88
N ARG A 266 29.77 -14.52 -2.83
CA ARG A 266 31.19 -14.39 -2.51
C ARG A 266 31.54 -13.16 -1.71
N TYR A 267 30.81 -12.07 -1.93
CA TYR A 267 31.12 -10.82 -1.26
C TYR A 267 30.24 -10.55 -0.06
N GLU A 268 29.39 -11.51 0.26
CA GLU A 268 28.47 -11.39 1.38
C GLU A 268 27.58 -10.15 1.26
N VAL A 269 26.87 -10.09 0.13
CA VAL A 269 25.85 -9.08 -0.06
C VAL A 269 24.56 -9.87 -0.35
N LEU A 270 23.44 -9.47 0.26
CA LEU A 270 22.18 -10.18 0.02
C LEU A 270 21.72 -9.89 -1.38
N LEU A 271 20.97 -10.81 -1.97
CA LEU A 271 20.42 -10.61 -3.30
C LEU A 271 18.89 -10.52 -3.22
N ILE A 272 18.35 -9.42 -3.74
CA ILE A 272 16.91 -9.20 -3.73
C ILE A 272 16.38 -9.12 -5.17
N PHE A 273 15.41 -9.98 -5.49
CA PHE A 273 14.74 -9.86 -6.78
C PHE A 273 13.37 -9.25 -6.60
N ASP A 274 13.11 -8.20 -7.37
CA ASP A 274 11.80 -7.57 -7.43
C ASP A 274 11.04 -8.22 -8.60
N GLU A 275 10.16 -9.16 -8.28
CA GLU A 275 9.37 -9.85 -9.30
C GLU A 275 7.94 -9.37 -9.33
N ILE A 276 7.72 -8.13 -8.91
CA ILE A 276 6.37 -7.60 -8.86
C ILE A 276 5.73 -7.59 -10.26
N ALA A 277 6.54 -7.37 -11.30
CA ALA A 277 6.06 -7.37 -12.68
C ALA A 277 6.22 -8.72 -13.36
N THR A 278 7.29 -9.43 -13.02
CA THR A 278 7.66 -10.63 -13.77
C THR A 278 6.99 -11.91 -13.26
N GLY A 279 6.42 -11.87 -12.06
CA GLY A 279 5.92 -13.07 -11.42
C GLY A 279 4.70 -13.72 -12.07
N PHE A 280 4.45 -14.96 -11.67
CA PHE A 280 3.22 -15.67 -12.03
C PHE A 280 3.07 -15.93 -13.53
N GLY A 281 4.17 -16.34 -14.14
CA GLY A 281 4.19 -16.86 -15.50
C GLY A 281 4.47 -15.86 -16.60
N ARG A 282 4.49 -14.58 -16.25
CA ARG A 282 4.49 -13.54 -17.28
C ARG A 282 5.62 -13.64 -18.29
N THR A 283 6.82 -14.02 -17.85
CA THR A 283 7.98 -14.08 -18.75
C THR A 283 8.20 -15.47 -19.37
N GLY A 284 7.25 -16.37 -19.18
CA GLY A 284 7.36 -17.70 -19.75
C GLY A 284 7.84 -18.75 -18.76
N ALA A 285 8.34 -18.30 -17.61
CA ALA A 285 8.60 -19.17 -16.48
C ALA A 285 7.73 -18.70 -15.33
N LEU A 286 7.54 -19.54 -14.31
CA LEU A 286 6.66 -19.15 -13.21
C LEU A 286 7.13 -17.84 -12.57
N PHE A 287 8.41 -17.81 -12.21
CA PHE A 287 9.08 -16.57 -11.81
C PHE A 287 10.30 -16.41 -12.70
N ALA A 288 10.64 -15.18 -13.04
CA ALA A 288 11.75 -14.94 -13.96
C ALA A 288 13.06 -15.51 -13.45
N ALA A 289 13.25 -15.56 -12.13
CA ALA A 289 14.47 -16.15 -11.55
C ALA A 289 14.64 -17.59 -12.04
N ASP A 290 13.52 -18.25 -12.29
CA ASP A 290 13.54 -19.63 -12.76
C ASP A 290 14.30 -19.82 -14.06
N HIS A 291 14.33 -18.77 -14.89
CA HIS A 291 15.08 -18.80 -16.15
C HIS A 291 16.56 -19.03 -15.89
N ALA A 292 17.02 -18.69 -14.69
CA ALA A 292 18.45 -18.80 -14.34
C ALA A 292 18.65 -19.87 -13.29
N GLY A 293 17.56 -20.37 -12.73
CA GLY A 293 17.62 -21.38 -11.70
C GLY A 293 18.16 -20.81 -10.39
N VAL A 294 18.12 -19.49 -10.29
CA VAL A 294 18.69 -18.78 -9.14
C VAL A 294 17.64 -18.53 -8.05
N SER A 295 18.07 -18.53 -6.79
CA SER A 295 17.22 -18.12 -5.67
C SER A 295 17.85 -16.89 -5.04
N PRO A 296 17.07 -15.81 -4.89
CA PRO A 296 17.57 -14.63 -4.18
C PRO A 296 17.41 -14.84 -2.69
N ASP A 297 17.95 -13.94 -1.87
CA ASP A 297 17.75 -14.04 -0.42
C ASP A 297 16.39 -13.50 -0.02
N ILE A 298 15.93 -12.51 -0.79
CA ILE A 298 14.65 -11.83 -0.54
C ILE A 298 13.97 -11.61 -1.89
N MET A 299 12.65 -11.69 -1.92
CA MET A 299 11.94 -11.57 -3.19
C MET A 299 10.64 -10.83 -2.96
N CYS A 300 10.27 -9.97 -3.90
CA CYS A 300 9.00 -9.23 -3.84
C CYS A 300 8.07 -9.67 -4.96
N VAL A 301 6.78 -9.81 -4.64
CA VAL A 301 5.76 -10.12 -5.65
C VAL A 301 4.54 -9.23 -5.41
N GLY A 302 3.75 -9.03 -6.45
CA GLY A 302 2.53 -8.24 -6.35
C GLY A 302 1.82 -8.29 -7.69
N LYS A 303 1.24 -7.17 -8.09
CA LYS A 303 0.50 -7.04 -9.35
C LYS A 303 -0.38 -8.24 -9.66
N ALA A 304 0.13 -9.22 -10.39
CA ALA A 304 -0.66 -10.38 -10.83
C ALA A 304 -1.01 -11.35 -9.68
N LEU A 305 -0.41 -11.14 -8.51
CA LEU A 305 -0.69 -11.96 -7.32
C LEU A 305 -2.18 -12.19 -7.07
N THR A 306 -2.99 -11.14 -7.17
CA THR A 306 -4.43 -11.27 -6.91
C THR A 306 -5.25 -11.47 -8.16
N GLY A 307 -4.60 -11.69 -9.29
CA GLY A 307 -5.31 -11.77 -10.55
C GLY A 307 -5.92 -10.43 -10.90
N GLY A 308 -5.42 -9.37 -10.29
CA GLY A 308 -5.82 -8.03 -10.66
C GLY A 308 -7.15 -7.59 -10.07
N TYR A 309 -7.58 -8.27 -9.01
CA TYR A 309 -8.82 -7.91 -8.32
C TYR A 309 -8.64 -6.84 -7.24
N LEU A 310 -7.62 -7.01 -6.41
CA LEU A 310 -7.43 -6.19 -5.24
C LEU A 310 -5.93 -5.95 -5.03
N SER A 311 -5.57 -4.91 -4.31
CA SER A 311 -4.16 -4.67 -4.05
CA SER A 311 -4.15 -4.68 -4.07
C SER A 311 -3.64 -5.65 -3.00
N LEU A 312 -2.52 -6.30 -3.31
CA LEU A 312 -1.83 -7.16 -2.37
C LEU A 312 -0.41 -7.34 -2.87
N ALA A 313 0.54 -7.45 -1.95
CA ALA A 313 1.91 -7.72 -2.31
C ALA A 313 2.48 -8.60 -1.20
N ALA A 314 3.63 -9.20 -1.47
CA ALA A 314 4.30 -10.00 -0.46
C ALA A 314 5.81 -9.91 -0.61
N THR A 315 6.52 -10.02 0.50
CA THR A 315 7.97 -10.04 0.49
C THR A 315 8.38 -11.34 1.17
N LEU A 316 9.14 -12.16 0.46
CA LEU A 316 9.59 -13.43 1.00
C LEU A 316 11.06 -13.37 1.33
N CYS A 317 11.48 -14.10 2.35
CA CYS A 317 12.90 -14.20 2.63
C CYS A 317 13.26 -15.58 3.18
N THR A 318 14.54 -15.92 3.14
CA THR A 318 14.99 -17.21 3.60
C THR A 318 14.87 -17.34 5.11
N ALA A 319 14.90 -18.58 5.60
CA ALA A 319 14.90 -18.84 7.03
C ALA A 319 16.10 -18.18 7.73
N ASP A 320 17.26 -18.24 7.08
CA ASP A 320 18.45 -17.59 7.62
C ASP A 320 18.27 -16.09 7.84
N VAL A 321 17.70 -15.39 6.85
CA VAL A 321 17.44 -13.96 7.00
C VAL A 321 16.46 -13.68 8.14
N ALA A 322 15.36 -14.45 8.18
CA ALA A 322 14.33 -14.26 9.21
C ALA A 322 14.86 -14.48 10.61
N HIS A 323 15.65 -15.52 10.77
CA HIS A 323 16.18 -15.87 12.08
C HIS A 323 17.21 -14.84 12.55
N THR A 324 18.01 -14.36 11.61
CA THR A 324 19.05 -13.39 11.95
C THR A 324 18.40 -12.08 12.38
N ILE A 325 17.36 -11.67 11.68
CA ILE A 325 16.56 -10.53 12.12
C ILE A 325 15.96 -10.83 13.49
N SER A 326 15.31 -11.98 13.64
CA SER A 326 14.58 -12.28 14.87
C SER A 326 15.47 -12.41 16.09
N ALA A 327 16.73 -12.74 15.86
CA ALA A 327 17.67 -12.96 16.96
C ALA A 327 18.49 -11.71 17.22
N GLY A 328 18.29 -10.69 16.40
CA GLY A 328 19.03 -9.45 16.55
C GLY A 328 18.50 -8.59 17.68
N ALA A 329 19.09 -7.41 17.86
CA ALA A 329 18.74 -6.53 18.96
C ALA A 329 17.27 -6.14 18.93
N ALA A 330 16.75 -6.00 17.70
CA ALA A 330 15.37 -5.62 17.50
C ALA A 330 14.46 -6.73 18.00
N GLY A 331 14.82 -7.96 17.70
CA GLY A 331 14.03 -9.12 18.10
C GLY A 331 12.83 -9.31 17.20
N ALA A 332 12.71 -8.47 16.17
CA ALA A 332 11.55 -8.51 15.29
C ALA A 332 11.71 -7.56 14.12
N LEU A 333 11.01 -7.87 13.03
CA LEU A 333 10.99 -6.98 11.88
C LEU A 333 10.00 -5.87 12.14
N MET A 334 10.49 -4.63 12.14
CA MET A 334 9.68 -3.48 12.56
C MET A 334 8.78 -2.91 11.45
N HIS A 335 7.75 -3.66 11.08
CA HIS A 335 6.83 -3.26 10.02
C HIS A 335 5.52 -3.99 10.28
N GLY A 336 4.40 -3.37 9.96
CA GLY A 336 3.10 -4.00 10.19
C GLY A 336 1.95 -3.14 9.70
N PRO A 337 1.66 -3.22 8.40
CA PRO A 337 0.56 -2.47 7.79
C PRO A 337 -0.78 -2.84 8.42
N THR A 338 -1.67 -1.85 8.54
CA THR A 338 -3.01 -2.05 9.10
C THR A 338 -3.75 -3.22 8.46
N PHE A 339 -3.74 -3.28 7.13
CA PHE A 339 -4.47 -4.33 6.41
C PHE A 339 -3.62 -5.55 6.06
N MET A 340 -2.51 -5.70 6.78
CA MET A 340 -1.63 -6.84 6.58
C MET A 340 -2.40 -8.16 6.48
N ALA A 341 -2.12 -8.90 5.42
CA ALA A 341 -2.70 -10.22 5.18
C ALA A 341 -4.23 -10.22 5.09
N ASN A 342 -4.79 -9.16 4.51
CA ASN A 342 -6.24 -9.02 4.37
C ASN A 342 -6.91 -10.31 3.84
N PRO A 343 -7.86 -10.87 4.60
CA PRO A 343 -8.45 -12.14 4.18
C PRO A 343 -9.09 -12.08 2.80
N LEU A 344 -9.72 -10.97 2.42
CA LEU A 344 -10.36 -10.91 1.09
C LEU A 344 -9.32 -10.95 -0.01
N ALA A 345 -8.29 -10.14 0.11
CA ALA A 345 -7.24 -10.13 -0.90
C ALA A 345 -6.49 -11.46 -0.91
N CYS A 346 -6.24 -12.05 0.26
CA CYS A 346 -5.53 -13.33 0.29
C CYS A 346 -6.36 -14.44 -0.36
N ALA A 347 -7.66 -14.42 -0.11
CA ALA A 347 -8.55 -15.45 -0.64
C ALA A 347 -8.62 -15.42 -2.16
N VAL A 348 -8.73 -14.24 -2.75
CA VAL A 348 -8.78 -14.18 -4.20
C VAL A 348 -7.41 -14.53 -4.79
N SER A 349 -6.33 -14.16 -4.09
CA SER A 349 -4.98 -14.53 -4.55
CA SER A 349 -4.99 -14.53 -4.55
C SER A 349 -4.78 -16.05 -4.57
N VAL A 350 -5.25 -16.72 -3.51
CA VAL A 350 -5.17 -18.18 -3.44
C VAL A 350 -5.83 -18.77 -4.67
N ALA A 351 -7.05 -18.31 -4.95
CA ALA A 351 -7.79 -18.81 -6.10
C ALA A 351 -7.06 -18.51 -7.41
N SER A 352 -6.49 -17.31 -7.53
CA SER A 352 -5.77 -16.96 -8.76
C SER A 352 -4.54 -17.85 -8.98
N VAL A 353 -3.77 -18.07 -7.92
CA VAL A 353 -2.57 -18.90 -8.04
C VAL A 353 -2.92 -20.35 -8.34
N GLU A 354 -3.96 -20.84 -7.67
CA GLU A 354 -4.39 -22.22 -7.92
C GLU A 354 -4.91 -22.39 -9.34
N LEU A 355 -5.62 -21.40 -9.84
CA LEU A 355 -6.11 -21.43 -11.21
C LEU A 355 -4.95 -21.48 -12.21
N LEU A 356 -3.89 -20.73 -11.91
CA LEU A 356 -2.71 -20.72 -12.77
C LEU A 356 -2.02 -22.08 -12.74
N LEU A 357 -1.77 -22.59 -11.53
CA LEU A 357 -1.06 -23.85 -11.35
C LEU A 357 -1.88 -25.06 -11.83
N GLY A 358 -3.20 -24.91 -11.82
CA GLY A 358 -4.08 -26.01 -12.20
C GLY A 358 -4.26 -26.22 -13.69
N GLN A 359 -3.63 -25.37 -14.50
CA GLN A 359 -3.69 -25.51 -15.95
C GLN A 359 -2.26 -25.64 -16.50
N ASP A 360 -2.11 -25.93 -17.78
CA ASP A 360 -0.76 -26.00 -18.38
C ASP A 360 -0.36 -24.58 -18.80
N TRP A 361 0.00 -23.78 -17.80
CA TRP A 361 0.27 -22.37 -18.03
C TRP A 361 1.49 -22.18 -18.94
N ARG A 362 2.46 -23.09 -18.85
CA ARG A 362 3.68 -22.95 -19.64
C ARG A 362 3.40 -23.03 -21.15
N THR A 363 2.61 -24.02 -21.54
CA THR A 363 2.17 -24.13 -22.93
C THR A 363 1.35 -22.90 -23.34
N ARG A 364 0.46 -22.46 -22.45
CA ARG A 364 -0.37 -21.28 -22.72
C ARG A 364 0.51 -20.06 -23.00
N ILE A 365 1.50 -19.80 -22.16
CA ILE A 365 2.36 -18.64 -22.33
C ILE A 365 3.25 -18.78 -23.55
N THR A 366 3.71 -19.99 -23.84
CA THR A 366 4.51 -20.23 -25.03
C THR A 366 3.67 -19.91 -26.28
N GLU A 367 2.39 -20.29 -26.25
CA GLU A 367 1.49 -20.00 -27.37
C GLU A 367 1.23 -18.50 -27.53
N LEU A 368 1.03 -17.81 -26.40
CA LEU A 368 0.89 -16.35 -26.41
C LEU A 368 2.13 -15.70 -27.03
N ALA A 369 3.30 -16.13 -26.59
CA ALA A 369 4.56 -15.55 -27.06
C ALA A 369 4.73 -15.75 -28.57
N ALA A 370 4.36 -16.93 -29.05
CA ALA A 370 4.44 -17.23 -30.48
C ALA A 370 3.49 -16.31 -31.25
N GLY A 371 2.29 -16.10 -30.71
CA GLY A 371 1.33 -15.19 -31.32
C GLY A 371 1.80 -13.75 -31.36
N LEU A 372 2.46 -13.29 -30.29
CA LEU A 372 3.00 -11.94 -30.26
C LEU A 372 4.12 -11.80 -31.27
N THR A 373 5.02 -12.79 -31.29
CA THR A 373 6.14 -12.75 -32.22
C THR A 373 5.67 -12.66 -33.67
N ALA A 374 4.74 -13.55 -34.03
CA ALA A 374 4.25 -13.62 -35.40
C ALA A 374 3.49 -12.35 -35.75
N GLY A 375 2.73 -11.83 -34.80
CA GLY A 375 1.90 -10.66 -35.03
C GLY A 375 2.68 -9.36 -35.13
N LEU A 376 3.81 -9.28 -34.46
CA LEU A 376 4.59 -8.04 -34.43
C LEU A 376 5.69 -8.02 -35.50
N ASP A 377 5.88 -9.14 -36.19
CA ASP A 377 6.99 -9.25 -37.14
C ASP A 377 7.02 -8.15 -38.21
N THR A 378 5.86 -7.77 -38.75
CA THR A 378 5.85 -6.72 -39.78
C THR A 378 6.17 -5.33 -39.24
N ALA A 379 6.16 -5.17 -37.92
CA ALA A 379 6.56 -3.88 -37.37
C ALA A 379 8.06 -3.59 -37.61
N ARG A 380 8.88 -4.63 -37.71
CA ARG A 380 10.33 -4.41 -37.80
C ARG A 380 10.70 -3.59 -39.04
N ALA A 381 9.92 -3.75 -40.09
CA ALA A 381 10.17 -3.05 -41.35
C ALA A 381 9.76 -1.58 -41.32
N LEU A 382 8.91 -1.18 -40.36
CA LEU A 382 8.39 0.19 -40.35
C LEU A 382 9.50 1.20 -40.09
N PRO A 383 9.38 2.39 -40.69
CA PRO A 383 10.40 3.45 -40.62
C PRO A 383 10.68 3.97 -39.21
N ALA A 384 9.67 4.00 -38.34
CA ALA A 384 9.87 4.62 -37.02
C ALA A 384 10.17 3.59 -35.92
N VAL A 385 10.38 2.35 -36.33
CA VAL A 385 10.57 1.23 -35.39
C VAL A 385 12.05 0.84 -35.27
N THR A 386 12.57 0.85 -34.05
CA THR A 386 13.98 0.55 -33.83
C THR A 386 14.21 -0.88 -33.36
N ASP A 387 13.22 -1.46 -32.69
CA ASP A 387 13.34 -2.85 -32.26
C ASP A 387 11.96 -3.47 -32.06
N VAL A 388 11.88 -4.79 -32.25
CA VAL A 388 10.69 -5.55 -31.83
C VAL A 388 11.19 -6.68 -30.98
N ARG A 389 10.59 -6.88 -29.81
CA ARG A 389 11.08 -7.96 -28.94
C ARG A 389 9.95 -8.55 -28.13
N VAL A 390 10.06 -9.84 -27.87
CA VAL A 390 9.03 -10.56 -27.14
C VAL A 390 9.70 -11.46 -26.10
N CYS A 391 9.13 -11.50 -24.91
CA CYS A 391 9.56 -12.42 -23.88
C CYS A 391 8.33 -12.92 -23.12
N GLY A 392 7.99 -14.18 -23.32
CA GLY A 392 6.76 -14.75 -22.78
C GLY A 392 5.57 -13.93 -23.27
N ALA A 393 4.65 -13.65 -22.37
CA ALA A 393 3.49 -12.85 -22.73
C ALA A 393 3.73 -11.35 -22.59
N ILE A 394 4.87 -10.90 -23.14
CA ILE A 394 5.20 -9.47 -23.19
C ILE A 394 5.69 -9.17 -24.61
N GLY A 395 5.09 -8.19 -25.27
CA GLY A 395 5.48 -7.88 -26.64
C GLY A 395 5.71 -6.40 -26.74
N VAL A 396 6.82 -6.03 -27.38
CA VAL A 396 7.26 -4.64 -27.36
C VAL A 396 7.67 -4.16 -28.76
N ILE A 397 7.13 -3.02 -29.18
CA ILE A 397 7.67 -2.30 -30.33
C ILE A 397 8.34 -1.05 -29.79
N GLU A 398 9.66 -0.96 -29.98
CA GLU A 398 10.40 0.23 -29.58
C GLU A 398 10.54 1.18 -30.77
N CYS A 399 10.13 2.43 -30.59
CA CYS A 399 10.10 3.39 -31.69
C CYS A 399 11.23 4.40 -31.58
N ASP A 400 11.43 5.16 -32.65
CA ASP A 400 12.55 6.08 -32.75
C ASP A 400 12.21 7.44 -32.15
N ARG A 401 11.04 7.54 -31.54
CA ARG A 401 10.62 8.78 -30.88
C ARG A 401 9.58 8.48 -29.81
N PRO A 402 9.40 9.40 -28.86
CA PRO A 402 8.34 9.22 -27.86
C PRO A 402 6.98 9.08 -28.53
N VAL A 403 6.17 8.14 -28.05
CA VAL A 403 4.86 7.91 -28.65
C VAL A 403 3.83 8.91 -28.16
N ASP A 404 3.18 9.60 -29.10
CA ASP A 404 2.17 10.60 -28.75
C ASP A 404 0.82 9.94 -28.45
N LEU A 405 0.38 10.01 -27.21
CA LEU A 405 -0.85 9.32 -26.80
C LEU A 405 -2.08 9.85 -27.51
N ALA A 406 -2.06 11.11 -27.91
CA ALA A 406 -3.21 11.72 -28.56
C ALA A 406 -3.43 11.08 -29.93
N VAL A 407 -2.38 10.50 -30.48
CA VAL A 407 -2.45 9.81 -31.77
C VAL A 407 -2.70 8.32 -31.55
N ALA A 408 -1.92 7.71 -30.65
CA ALA A 408 -1.98 6.27 -30.42
C ALA A 408 -3.31 5.80 -29.82
N THR A 409 -3.82 6.52 -28.83
CA THR A 409 -5.02 6.09 -28.12
C THR A 409 -6.22 5.90 -29.05
N PRO A 410 -6.57 6.94 -29.82
CA PRO A 410 -7.72 6.73 -30.72
C PRO A 410 -7.44 5.67 -31.79
N ALA A 411 -6.19 5.59 -32.25
CA ALA A 411 -5.83 4.61 -33.29
C ALA A 411 -6.05 3.18 -32.80
N ALA A 412 -5.70 2.94 -31.54
CA ALA A 412 -5.94 1.66 -30.90
C ALA A 412 -7.44 1.44 -30.63
N LEU A 413 -8.11 2.45 -30.10
CA LEU A 413 -9.55 2.32 -29.85
C LEU A 413 -10.34 2.02 -31.13
N ASP A 414 -9.91 2.60 -32.25
CA ASP A 414 -10.60 2.40 -33.52
C ASP A 414 -10.51 0.95 -33.95
N ARG A 415 -9.53 0.24 -33.40
CA ARG A 415 -9.27 -1.15 -33.75
C ARG A 415 -9.70 -2.10 -32.64
N GLY A 416 -10.43 -1.57 -31.66
CA GLY A 416 -11.01 -2.38 -30.61
C GLY A 416 -10.01 -2.86 -29.58
N VAL A 417 -8.98 -2.05 -29.33
CA VAL A 417 -7.92 -2.43 -28.40
C VAL A 417 -7.56 -1.27 -27.49
N TRP A 418 -7.47 -1.55 -26.20
CA TRP A 418 -6.97 -0.56 -25.26
C TRP A 418 -5.47 -0.72 -25.09
N LEU A 419 -4.68 0.23 -25.60
CA LEU A 419 -3.23 0.20 -25.44
C LEU A 419 -2.82 1.43 -24.65
N ARG A 420 -1.77 1.30 -23.85
CA ARG A 420 -1.20 2.43 -23.12
C ARG A 420 0.30 2.54 -23.34
N PRO A 421 0.72 3.23 -24.42
CA PRO A 421 2.16 3.36 -24.63
C PRO A 421 2.77 4.22 -23.53
N PHE A 422 4.08 4.09 -23.32
CA PHE A 422 4.82 5.06 -22.53
C PHE A 422 6.20 5.26 -23.12
N ARG A 423 6.80 6.42 -22.89
CA ARG A 423 8.08 6.72 -23.48
C ARG A 423 7.98 6.47 -24.99
N ASN A 424 8.95 5.73 -25.55
CA ASN A 424 8.94 5.39 -26.98
C ASN A 424 8.50 3.95 -27.22
N LEU A 425 7.65 3.42 -26.35
CA LEU A 425 7.30 2.00 -26.43
C LEU A 425 5.81 1.77 -26.67
N VAL A 426 5.50 0.93 -27.64
CA VAL A 426 4.13 0.44 -27.85
C VAL A 426 4.20 -1.04 -27.47
N TYR A 427 3.52 -1.42 -26.39
CA TYR A 427 3.74 -2.75 -25.83
C TYR A 427 2.44 -3.34 -25.31
N ALA A 428 2.45 -4.64 -25.06
CA ALA A 428 1.28 -5.34 -24.57
C ALA A 428 1.72 -6.37 -23.57
N MET A 429 0.88 -6.58 -22.56
CA MET A 429 1.06 -7.72 -21.68
C MET A 429 -0.34 -8.29 -21.48
N PRO A 430 -0.78 -9.09 -22.47
CA PRO A 430 -2.18 -9.53 -22.55
C PRO A 430 -2.54 -10.55 -21.49
N PRO A 431 -3.84 -10.63 -21.14
CA PRO A 431 -4.29 -11.69 -20.24
C PRO A 431 -3.96 -13.07 -20.82
N TYR A 432 -3.70 -14.04 -19.95
CA TYR A 432 -3.33 -15.37 -20.42
C TYR A 432 -4.52 -16.06 -21.09
N ILE A 433 -5.72 -15.52 -20.89
CA ILE A 433 -6.92 -16.11 -21.49
C ILE A 433 -7.24 -15.62 -22.91
N CYS A 434 -6.39 -14.76 -23.47
CA CYS A 434 -6.61 -14.28 -24.83
C CYS A 434 -6.46 -15.41 -25.84
N THR A 435 -7.43 -15.54 -26.74
CA THR A 435 -7.34 -16.53 -27.81
C THR A 435 -6.36 -16.06 -28.88
N PRO A 436 -5.94 -16.96 -29.77
CA PRO A 436 -5.04 -16.54 -30.85
C PRO A 436 -5.58 -15.39 -31.71
N ALA A 437 -6.87 -15.40 -32.00
CA ALA A 437 -7.48 -14.31 -32.76
C ALA A 437 -7.38 -12.98 -32.01
N GLU A 438 -7.54 -13.03 -30.70
CA GLU A 438 -7.48 -11.84 -29.86
C GLU A 438 -6.06 -11.28 -29.79
N ILE A 439 -5.07 -12.17 -29.71
CA ILE A 439 -3.68 -11.74 -29.73
C ILE A 439 -3.36 -11.08 -31.07
N THR A 440 -3.83 -11.71 -32.15
CA THR A 440 -3.70 -11.15 -33.49
C THR A 440 -4.33 -9.77 -33.61
N GLN A 441 -5.52 -9.58 -33.02
CA GLN A 441 -6.16 -8.26 -33.02
C GLN A 441 -5.29 -7.25 -32.25
N ILE A 442 -4.78 -7.68 -31.11
CA ILE A 442 -3.88 -6.83 -30.33
C ILE A 442 -2.63 -6.44 -31.12
N THR A 443 -1.91 -7.42 -31.66
CA THR A 443 -0.69 -7.09 -32.39
C THR A 443 -0.97 -6.24 -33.63
N SER A 444 -2.11 -6.45 -34.27
CA SER A 444 -2.46 -5.67 -35.44
CA SER A 444 -2.48 -5.66 -35.45
C SER A 444 -2.62 -4.20 -35.07
N ALA A 445 -3.30 -3.94 -33.95
CA ALA A 445 -3.46 -2.57 -33.47
C ALA A 445 -2.10 -1.95 -33.11
N MET A 446 -1.23 -2.73 -32.47
CA MET A 446 0.10 -2.22 -32.12
C MET A 446 0.89 -1.81 -33.36
N VAL A 447 0.85 -2.63 -34.38
CA VAL A 447 1.52 -2.32 -35.64
C VAL A 447 0.98 -1.04 -36.26
N GLU A 448 -0.35 -0.88 -36.26
CA GLU A 448 -0.95 0.33 -36.83
C GLU A 448 -0.60 1.55 -36.01
N VAL A 449 -0.50 1.38 -34.70
CA VAL A 449 -0.03 2.47 -33.86
C VAL A 449 1.40 2.83 -34.23
N ALA A 450 2.25 1.82 -34.39
CA ALA A 450 3.64 2.09 -34.74
C ALA A 450 3.73 2.76 -36.11
N ARG A 451 2.84 2.36 -37.02
CA ARG A 451 2.83 2.95 -38.36
C ARG A 451 2.52 4.44 -38.29
N LEU A 452 1.64 4.83 -37.36
CA LEU A 452 1.24 6.21 -37.21
C LEU A 452 2.30 7.10 -36.53
N VAL A 453 3.22 6.49 -35.79
CA VAL A 453 4.27 7.24 -35.11
C VAL A 453 5.21 7.91 -36.08
N GLY B 27 -8.07 -26.34 1.82
CA GLY B 27 -8.57 -25.97 3.12
C GLY B 27 -7.66 -26.41 4.25
N LEU B 28 -7.87 -25.85 5.44
CA LEU B 28 -7.02 -26.13 6.58
C LEU B 28 -7.79 -26.10 7.89
N THR B 29 -7.44 -27.01 8.79
CA THR B 29 -7.97 -27.00 10.16
C THR B 29 -7.19 -25.96 10.95
N PRO B 30 -7.74 -25.55 12.11
CA PRO B 30 -7.00 -24.59 12.95
C PRO B 30 -5.60 -25.08 13.32
N GLU B 31 -5.43 -26.38 13.58
CA GLU B 31 -4.09 -26.92 13.88
C GLU B 31 -3.12 -26.75 12.71
N GLN B 32 -3.59 -27.03 11.50
CA GLN B 32 -2.76 -26.86 10.30
C GLN B 32 -2.47 -25.38 10.04
N ILE B 33 -3.46 -24.53 10.31
CA ILE B 33 -3.26 -23.09 10.17
C ILE B 33 -2.12 -22.65 11.09
N ILE B 34 -2.18 -23.05 12.35
CA ILE B 34 -1.13 -22.74 13.31
C ILE B 34 0.26 -23.23 12.86
N ALA B 35 0.31 -24.45 12.34
CA ALA B 35 1.55 -25.04 11.87
C ALA B 35 2.15 -24.26 10.69
N VAL B 36 1.31 -23.96 9.70
CA VAL B 36 1.77 -23.18 8.56
C VAL B 36 2.21 -21.80 9.03
N ASP B 37 1.37 -21.17 9.85
CA ASP B 37 1.63 -19.84 10.35
C ASP B 37 2.97 -19.77 11.07
N GLY B 38 3.20 -20.72 11.97
CA GLY B 38 4.43 -20.72 12.74
C GLY B 38 5.68 -20.83 11.89
N ALA B 39 5.57 -21.57 10.80
CA ALA B 39 6.72 -21.79 9.93
C ALA B 39 6.93 -20.67 8.92
N HIS B 40 5.86 -20.05 8.44
CA HIS B 40 5.97 -19.25 7.22
C HIS B 40 5.44 -17.82 7.25
N LEU B 41 4.71 -17.44 8.30
CA LEU B 41 4.06 -16.13 8.30
C LEU B 41 4.69 -15.14 9.27
N TRP B 42 5.13 -14.01 8.72
CA TRP B 42 5.51 -12.85 9.53
C TRP B 42 4.24 -12.17 9.99
N HIS B 43 4.23 -11.71 11.23
CA HIS B 43 3.14 -10.89 11.74
C HIS B 43 3.68 -9.49 11.99
N PRO B 44 2.79 -8.54 12.29
CA PRO B 44 3.24 -7.15 12.48
C PRO B 44 4.28 -7.03 13.61
N TYR B 45 5.37 -6.32 13.35
CA TYR B 45 6.41 -6.09 14.36
CA TYR B 45 6.39 -6.08 14.37
C TYR B 45 6.70 -7.35 15.18
N SER B 46 6.89 -8.46 14.49
CA SER B 46 7.14 -9.71 15.21
C SER B 46 8.35 -10.43 14.66
N SER B 47 8.59 -11.62 15.17
CA SER B 47 9.73 -12.44 14.77
C SER B 47 9.21 -13.71 14.14
N ILE B 48 10.11 -14.46 13.53
CA ILE B 48 9.80 -15.83 13.14
C ILE B 48 10.54 -16.73 14.12
N GLY B 49 9.82 -17.67 14.73
CA GLY B 49 10.46 -18.66 15.58
C GLY B 49 10.65 -18.22 17.02
N ARG B 50 10.16 -17.02 17.35
CA ARG B 50 10.27 -16.50 18.71
C ARG B 50 8.96 -15.88 19.17
N SER B 54 2.14 -16.84 20.28
CA SER B 54 1.45 -17.67 19.30
C SER B 54 0.10 -17.06 18.92
N PRO B 55 -0.13 -16.81 17.62
CA PRO B 55 -1.39 -16.16 17.23
C PRO B 55 -2.59 -17.07 17.44
N VAL B 56 -3.74 -16.47 17.66
CA VAL B 56 -5.00 -17.18 17.78
C VAL B 56 -5.67 -17.22 16.41
N VAL B 57 -6.22 -18.38 16.05
CA VAL B 57 -6.94 -18.53 14.78
C VAL B 57 -8.31 -17.83 14.81
N ALA B 58 -8.53 -16.94 13.84
CA ALA B 58 -9.84 -16.35 13.62
C ALA B 58 -10.49 -17.12 12.48
N VAL B 59 -11.72 -17.59 12.67
CA VAL B 59 -12.40 -18.35 11.63
C VAL B 59 -13.61 -17.61 11.06
N ALA B 60 -14.03 -16.54 11.73
CA ALA B 60 -15.19 -15.79 11.22
C ALA B 60 -15.29 -14.43 11.88
N ALA B 61 -16.09 -13.56 11.30
CA ALA B 61 -16.34 -12.22 11.84
C ALA B 61 -17.70 -11.73 11.36
N HIS B 62 -18.51 -11.24 12.30
CA HIS B 62 -19.81 -10.73 11.93
C HIS B 62 -20.30 -9.69 12.92
N GLY B 63 -20.71 -8.53 12.41
CA GLY B 63 -21.10 -7.44 13.28
C GLY B 63 -19.91 -7.04 14.13
N ALA B 64 -20.14 -6.85 15.42
CA ALA B 64 -19.08 -6.44 16.34
C ALA B 64 -18.29 -7.64 16.87
N TRP B 65 -18.58 -8.83 16.36
CA TRP B 65 -18.04 -10.06 16.94
C TRP B 65 -17.08 -10.84 16.06
N LEU B 66 -16.01 -11.36 16.65
CA LEU B 66 -15.12 -12.30 15.98
C LEU B 66 -15.33 -13.69 16.54
N THR B 67 -15.14 -14.69 15.68
CA THR B 67 -15.13 -16.07 16.15
C THR B 67 -13.69 -16.55 16.14
N LEU B 68 -13.15 -16.83 17.33
CA LEU B 68 -11.77 -17.26 17.49
C LEU B 68 -11.69 -18.67 18.06
N ILE B 69 -10.56 -19.33 17.83
CA ILE B 69 -10.36 -20.69 18.33
C ILE B 69 -9.56 -20.63 19.60
N ARG B 70 -10.20 -20.97 20.72
CA ARG B 70 -9.52 -21.04 22.00
C ARG B 70 -9.54 -22.47 22.50
N ASP B 71 -8.37 -23.06 22.64
CA ASP B 71 -8.24 -24.43 23.12
C ASP B 71 -9.06 -25.39 22.26
N GLY B 72 -9.13 -25.11 20.97
CA GLY B 72 -9.81 -25.98 20.04
C GLY B 72 -11.28 -25.67 19.85
N GLN B 73 -11.84 -24.82 20.70
CA GLN B 73 -13.25 -24.46 20.63
C GLN B 73 -13.45 -23.06 20.01
N PRO B 74 -14.40 -22.95 19.05
CA PRO B 74 -14.76 -21.64 18.50
C PRO B 74 -15.60 -20.86 19.50
N ILE B 75 -15.18 -19.65 19.83
CA ILE B 75 -15.93 -18.79 20.74
C ILE B 75 -16.12 -17.44 20.07
N GLU B 76 -17.24 -16.79 20.33
CA GLU B 76 -17.46 -15.45 19.79
C GLU B 76 -17.02 -14.41 20.82
N VAL B 77 -16.21 -13.44 20.39
CA VAL B 77 -15.74 -12.39 21.28
C VAL B 77 -15.86 -11.03 20.60
N LEU B 78 -16.01 -9.98 21.39
CA LEU B 78 -16.19 -8.63 20.84
C LEU B 78 -14.89 -8.08 20.24
N ASP B 79 -15.00 -7.45 19.08
CA ASP B 79 -13.86 -6.81 18.44
C ASP B 79 -13.71 -5.39 18.99
N ALA B 80 -13.17 -5.28 20.20
CA ALA B 80 -13.09 -4.02 20.92
C ALA B 80 -12.16 -2.98 20.25
N MET B 81 -11.26 -3.47 19.41
CA MET B 81 -10.29 -2.61 18.71
C MET B 81 -10.76 -2.21 17.31
N SER B 82 -11.98 -2.62 16.95
CA SER B 82 -12.46 -2.53 15.57
C SER B 82 -11.41 -2.99 14.57
N SER B 83 -10.75 -4.10 14.87
CA SER B 83 -9.66 -4.56 14.01
C SER B 83 -8.74 -3.40 13.61
N TRP B 84 -8.21 -2.74 14.63
CA TRP B 84 -7.29 -1.61 14.43
C TRP B 84 -7.91 -0.41 13.73
N TRP B 85 -9.02 0.05 14.29
CA TRP B 85 -9.69 1.28 13.86
C TRP B 85 -10.54 1.11 12.60
N THR B 86 -10.53 -0.07 11.99
CA THR B 86 -11.07 -0.16 10.63
C THR B 86 -12.57 -0.43 10.58
N ALA B 87 -13.05 -1.33 11.44
CA ALA B 87 -14.39 -1.90 11.32
C ALA B 87 -15.48 -1.04 11.96
N ILE B 88 -15.63 0.20 11.50
CA ILE B 88 -16.58 1.11 12.16
C ILE B 88 -18.04 0.66 12.09
N HIS B 89 -18.41 -0.06 11.03
CA HIS B 89 -19.78 -0.55 10.88
C HIS B 89 -19.90 -2.03 11.28
N GLY B 90 -18.86 -2.56 11.91
CA GLY B 90 -18.78 -3.97 12.20
C GLY B 90 -18.44 -4.76 10.93
N HIS B 91 -18.28 -6.06 11.08
CA HIS B 91 -17.90 -6.92 9.96
C HIS B 91 -19.13 -7.49 9.25
N GLY B 92 -19.04 -7.69 7.94
CA GLY B 92 -20.15 -8.23 7.18
C GLY B 92 -21.44 -7.43 7.30
N HIS B 93 -21.33 -6.10 7.28
CA HIS B 93 -22.52 -5.28 7.25
C HIS B 93 -23.18 -5.49 5.88
N PRO B 94 -24.49 -5.80 5.88
CA PRO B 94 -25.16 -6.14 4.63
C PRO B 94 -25.07 -5.05 3.56
N ALA B 95 -25.12 -3.79 3.95
CA ALA B 95 -25.02 -2.70 2.99
C ALA B 95 -23.63 -2.67 2.31
N LEU B 96 -22.58 -2.94 3.08
CA LEU B 96 -21.22 -2.89 2.54
C LEU B 96 -20.94 -4.15 1.72
N ASP B 97 -21.36 -5.30 2.22
CA ASP B 97 -21.24 -6.56 1.48
C ASP B 97 -21.91 -6.41 0.11
N GLN B 98 -23.11 -5.84 0.12
CA GLN B 98 -23.88 -5.70 -1.11
C GLN B 98 -23.18 -4.79 -2.13
N ALA B 99 -22.61 -3.69 -1.64
CA ALA B 99 -21.92 -2.74 -2.53
C ALA B 99 -20.75 -3.41 -3.23
N LEU B 100 -20.03 -4.25 -2.51
CA LEU B 100 -18.90 -4.97 -3.05
C LEU B 100 -19.33 -5.99 -4.10
N THR B 101 -20.33 -6.81 -3.77
CA THR B 101 -20.78 -7.83 -4.70
C THR B 101 -21.44 -7.19 -5.93
N THR B 102 -22.09 -6.04 -5.73
CA THR B 102 -22.69 -5.32 -6.84
C THR B 102 -21.63 -4.85 -7.83
N GLN B 103 -20.54 -4.27 -7.31
CA GLN B 103 -19.46 -3.82 -8.17
C GLN B 103 -18.69 -4.99 -8.79
N LEU B 104 -18.52 -6.06 -8.01
CA LEU B 104 -17.82 -7.24 -8.51
C LEU B 104 -18.47 -7.82 -9.78
N ARG B 105 -19.80 -7.77 -9.87
CA ARG B 105 -20.50 -8.31 -11.03
C ARG B 105 -20.31 -7.47 -12.28
N VAL B 106 -19.91 -6.22 -12.11
CA VAL B 106 -19.79 -5.35 -13.29
C VAL B 106 -18.36 -5.04 -13.72
N MET B 107 -17.49 -4.75 -12.76
CA MET B 107 -16.12 -4.37 -13.09
C MET B 107 -15.24 -4.45 -11.84
N ASN B 108 -14.39 -5.48 -11.78
CA ASN B 108 -13.54 -5.64 -10.61
C ASN B 108 -12.48 -4.56 -10.47
N HIS B 109 -11.84 -4.22 -11.59
CA HIS B 109 -10.70 -3.30 -11.57
C HIS B 109 -10.27 -2.95 -12.98
N VAL B 110 -9.92 -1.69 -13.21
CA VAL B 110 -9.27 -1.30 -14.44
C VAL B 110 -8.17 -0.33 -14.07
N MET B 111 -7.17 -0.21 -14.93
CA MET B 111 -6.06 0.69 -14.65
C MET B 111 -6.56 2.14 -14.68
N PHE B 112 -6.05 2.95 -13.77
CA PHE B 112 -6.47 4.35 -13.65
C PHE B 112 -5.62 5.26 -14.55
N GLY B 113 -4.72 4.66 -15.32
CA GLY B 113 -3.94 5.43 -16.29
C GLY B 113 -4.70 5.59 -17.59
N GLY B 114 -5.36 6.74 -17.76
CA GLY B 114 -6.06 7.03 -19.00
C GLY B 114 -7.53 6.63 -18.99
N LEU B 115 -7.96 5.97 -17.90
CA LEU B 115 -9.34 5.56 -17.71
C LEU B 115 -9.86 6.13 -16.39
N THR B 116 -11.17 6.30 -16.30
CA THR B 116 -11.77 6.64 -15.02
C THR B 116 -13.06 5.83 -14.86
N HIS B 117 -13.71 5.93 -13.70
CA HIS B 117 -14.89 5.10 -13.47
C HIS B 117 -15.80 5.68 -12.40
N GLU B 118 -17.01 5.13 -12.29
CA GLU B 118 -18.01 5.67 -11.41
C GLU B 118 -17.64 5.59 -9.92
N PRO B 119 -17.14 4.43 -9.46
CA PRO B 119 -16.77 4.36 -8.04
C PRO B 119 -15.74 5.41 -7.63
N ALA B 120 -14.71 5.60 -8.46
CA ALA B 120 -13.71 6.63 -8.15
C ALA B 120 -14.36 8.01 -8.07
N ALA B 121 -15.17 8.35 -9.06
CA ALA B 121 -15.82 9.66 -9.09
C ALA B 121 -16.76 9.85 -7.92
N ARG B 122 -17.60 8.84 -7.65
CA ARG B 122 -18.54 8.93 -6.54
C ARG B 122 -17.84 9.14 -5.21
N LEU B 123 -16.76 8.40 -4.99
CA LEU B 123 -16.03 8.50 -3.72
C LEU B 123 -15.31 9.86 -3.62
N ALA B 124 -14.68 10.29 -4.71
CA ALA B 124 -13.97 11.57 -4.70
C ALA B 124 -14.93 12.69 -4.34
N LYS B 125 -16.10 12.69 -4.95
CA LYS B 125 -17.11 13.71 -4.71
C LYS B 125 -17.54 13.73 -3.24
N LEU B 126 -17.73 12.55 -2.66
CA LEU B 126 -18.12 12.45 -1.27
C LEU B 126 -17.02 12.99 -0.37
N LEU B 127 -15.79 12.54 -0.60
CA LEU B 127 -14.65 12.97 0.21
C LEU B 127 -14.43 14.48 0.14
N VAL B 128 -14.51 15.05 -1.05
CA VAL B 128 -14.32 16.50 -1.13
C VAL B 128 -15.45 17.20 -0.39
N ASP B 129 -16.64 16.61 -0.43
CA ASP B 129 -17.80 17.22 0.19
C ASP B 129 -17.74 17.22 1.73
N ILE B 130 -17.26 16.13 2.32
CA ILE B 130 -17.33 15.98 3.78
C ILE B 130 -16.08 16.39 4.57
N THR B 131 -14.96 16.60 3.87
CA THR B 131 -13.71 16.96 4.55
C THR B 131 -13.66 18.46 4.83
N PRO B 132 -12.70 18.91 5.66
CA PRO B 132 -12.62 20.34 5.96
C PRO B 132 -12.58 21.21 4.70
N ALA B 133 -13.11 22.42 4.81
CA ALA B 133 -13.25 23.30 3.66
C ALA B 133 -11.95 23.44 2.90
N GLY B 134 -12.05 23.50 1.58
CA GLY B 134 -10.89 23.82 0.77
C GLY B 134 -10.14 22.64 0.16
N LEU B 135 -10.41 21.43 0.64
CA LEU B 135 -9.73 20.26 0.07
C LEU B 135 -10.55 19.72 -1.08
N ASP B 136 -10.13 19.99 -2.31
CA ASP B 136 -10.98 19.65 -3.45
C ASP B 136 -10.34 18.76 -4.52
N THR B 137 -9.18 18.21 -4.21
CA THR B 137 -8.57 17.21 -5.09
C THR B 137 -8.15 15.98 -4.28
N VAL B 138 -8.27 14.81 -4.89
CA VAL B 138 -8.11 13.53 -4.18
C VAL B 138 -7.16 12.63 -4.94
N PHE B 139 -6.13 12.14 -4.26
CA PHE B 139 -5.20 11.18 -4.85
C PHE B 139 -5.35 9.89 -4.08
N PHE B 140 -5.91 8.86 -4.73
CA PHE B 140 -6.11 7.56 -4.09
C PHE B 140 -4.83 6.74 -4.07
N SER B 141 -4.58 6.05 -2.96
CA SER B 141 -3.54 5.05 -2.90
C SER B 141 -3.98 3.85 -2.11
N ASP B 142 -3.05 2.93 -1.86
CA ASP B 142 -3.42 1.60 -1.38
C ASP B 142 -3.16 1.36 0.11
N SER B 143 -2.53 2.33 0.79
CA SER B 143 -2.35 2.20 2.24
C SER B 143 -2.05 3.53 2.89
N GLY B 144 -2.25 3.59 4.20
CA GLY B 144 -2.02 4.82 4.93
C GLY B 144 -0.59 5.32 4.78
N SER B 145 0.38 4.43 4.94
CA SER B 145 1.78 4.83 4.84
CA SER B 145 1.77 4.84 4.84
C SER B 145 2.06 5.46 3.48
N VAL B 146 1.54 4.86 2.43
CA VAL B 146 1.73 5.43 1.10
C VAL B 146 1.07 6.81 0.98
N SER B 147 -0.09 7.00 1.60
CA SER B 147 -0.79 8.27 1.45
C SER B 147 0.01 9.35 2.15
N VAL B 148 0.70 8.98 3.22
CA VAL B 148 1.58 9.93 3.93
C VAL B 148 2.76 10.29 3.04
N GLU B 149 3.33 9.31 2.32
CA GLU B 149 4.45 9.60 1.44
C GLU B 149 3.98 10.48 0.29
N VAL B 150 2.77 10.23 -0.18
CA VAL B 150 2.20 11.06 -1.24
C VAL B 150 2.03 12.50 -0.74
N ALA B 151 1.55 12.64 0.49
CA ALA B 151 1.41 13.96 1.11
C ALA B 151 2.75 14.71 1.14
N ALA B 152 3.81 14.00 1.54
CA ALA B 152 5.12 14.61 1.66
C ALA B 152 5.63 15.04 0.29
N LYS B 153 5.38 14.20 -0.71
CA LYS B 153 5.83 14.48 -2.06
C LYS B 153 5.08 15.72 -2.57
N MET B 154 3.78 15.81 -2.29
CA MET B 154 3.01 16.98 -2.68
C MET B 154 3.61 18.25 -2.05
N ALA B 155 3.95 18.17 -0.77
CA ALA B 155 4.54 19.29 -0.07
C ALA B 155 5.87 19.69 -0.68
N LEU B 156 6.76 18.71 -0.87
CA LEU B 156 8.07 19.01 -1.43
C LEU B 156 7.96 19.55 -2.84
N GLN B 157 7.10 18.94 -3.65
CA GLN B 157 6.93 19.38 -5.03
C GLN B 157 6.31 20.77 -5.11
N TYR B 158 5.41 21.05 -4.16
CA TYR B 158 4.79 22.37 -4.06
C TYR B 158 5.86 23.46 -3.97
N TRP B 159 6.81 23.31 -3.06
CA TRP B 159 7.81 24.35 -2.86
C TRP B 159 8.80 24.42 -4.01
N ARG B 160 9.11 23.29 -4.61
CA ARG B 160 9.89 23.30 -5.85
C ARG B 160 9.13 24.12 -6.90
N GLY B 161 7.81 23.97 -6.93
CA GLY B 161 6.98 24.71 -7.86
C GLY B 161 6.98 26.20 -7.58
N ARG B 162 7.38 26.57 -6.38
CA ARG B 162 7.49 27.98 -5.99
C ARG B 162 8.93 28.47 -6.05
N GLY B 163 9.82 27.64 -6.58
CA GLY B 163 11.22 27.99 -6.68
C GLY B 163 11.95 28.01 -5.34
N LEU B 164 11.45 27.25 -4.37
CA LEU B 164 12.10 27.18 -3.05
C LEU B 164 12.42 25.74 -2.66
N PRO B 165 13.33 25.10 -3.40
CA PRO B 165 13.61 23.68 -3.19
C PRO B 165 14.37 23.41 -1.90
N GLY B 166 14.79 24.47 -1.22
CA GLY B 166 15.42 24.33 0.08
C GLY B 166 14.41 23.88 1.12
N LYS B 167 13.13 24.13 0.85
CA LYS B 167 12.06 23.72 1.77
C LYS B 167 11.72 22.25 1.55
N ARG B 168 12.41 21.39 2.30
CA ARG B 168 12.31 19.95 2.07
C ARG B 168 12.30 19.13 3.34
N ARG B 169 12.38 19.77 4.50
CA ARG B 169 12.28 19.02 5.76
C ARG B 169 10.85 19.01 6.26
N LEU B 170 10.56 18.11 7.19
CA LEU B 170 9.25 18.09 7.82
C LEU B 170 9.42 18.39 9.30
N MET B 171 8.39 18.96 9.90
CA MET B 171 8.38 19.19 11.35
C MET B 171 7.15 18.56 11.98
N THR B 172 7.32 17.90 13.11
CA THR B 172 6.16 17.35 13.81
C THR B 172 6.36 17.52 15.32
N TRP B 173 5.39 17.08 16.11
CA TRP B 173 5.61 17.03 17.54
C TRP B 173 5.80 15.58 17.95
N ARG B 174 6.43 15.39 19.11
CA ARG B 174 6.69 14.04 19.57
C ARG B 174 5.38 13.30 19.87
N GLY B 175 5.45 11.97 19.92
CA GLY B 175 4.33 11.12 20.29
C GLY B 175 3.55 10.60 19.10
N GLY B 176 4.01 10.91 17.90
CA GLY B 176 3.23 10.60 16.70
C GLY B 176 3.54 9.30 16.01
N TYR B 177 2.65 8.90 15.11
CA TYR B 177 2.86 7.73 14.28
C TYR B 177 2.23 8.00 12.91
N HIS B 178 2.97 7.71 11.84
CA HIS B 178 2.48 8.02 10.49
C HIS B 178 2.72 6.89 9.49
N GLY B 179 3.09 5.72 9.99
CA GLY B 179 3.24 4.56 9.11
C GLY B 179 4.65 4.00 9.14
N ASP B 180 4.89 2.97 8.34
CA ASP B 180 6.13 2.18 8.46
C ASP B 180 7.09 2.28 7.28
N THR B 181 6.69 2.92 6.18
CA THR B 181 7.65 3.16 5.10
C THR B 181 8.70 4.15 5.60
N PHE B 182 9.84 4.24 4.91
CA PHE B 182 10.98 4.95 5.46
C PHE B 182 10.76 6.45 5.65
N LEU B 183 10.02 7.08 4.75
CA LEU B 183 9.77 8.51 4.94
C LEU B 183 8.81 8.68 6.10
N ALA B 184 7.79 7.84 6.12
CA ALA B 184 6.79 7.88 7.19
C ALA B 184 7.46 7.66 8.54
N MET B 185 8.40 6.71 8.59
CA MET B 185 9.15 6.44 9.81
C MET B 185 9.88 7.67 10.34
N SER B 186 10.33 8.54 9.43
CA SER B 186 11.16 9.68 9.81
C SER B 186 10.41 10.71 10.66
N ILE B 187 9.08 10.68 10.60
CA ILE B 187 8.27 11.58 11.40
C ILE B 187 7.57 10.87 12.56
N CYS B 188 7.81 9.58 12.69
CA CYS B 188 7.29 8.88 13.85
CA CYS B 188 7.34 8.84 13.86
C CYS B 188 8.13 9.27 15.07
N ASP B 189 7.49 9.23 16.24
CA ASP B 189 8.16 9.52 17.51
C ASP B 189 9.43 8.69 17.59
N PRO B 190 10.56 9.32 17.86
CA PRO B 190 11.85 8.61 17.83
C PRO B 190 11.92 7.37 18.74
N HIS B 191 11.23 7.39 19.88
CA HIS B 191 11.22 6.23 20.77
C HIS B 191 10.25 5.16 20.29
N GLY B 192 8.99 5.54 20.14
CA GLY B 192 8.00 4.62 19.61
C GLY B 192 8.47 4.00 18.31
N GLY B 193 9.28 4.74 17.57
CA GLY B 193 9.70 4.33 16.24
C GLY B 193 11.04 3.62 16.18
N MET B 194 11.67 3.47 17.34
CA MET B 194 12.93 2.73 17.46
C MET B 194 14.04 3.34 16.64
N HIS B 195 14.02 4.66 16.50
CA HIS B 195 14.96 5.35 15.61
C HIS B 195 16.41 5.03 15.93
N SER B 196 16.66 4.56 17.15
CA SER B 196 18.01 4.18 17.56
C SER B 196 18.51 3.03 16.70
N LEU B 197 17.58 2.22 16.21
CA LEU B 197 17.92 1.08 15.38
C LEU B 197 18.12 1.51 13.93
N TRP B 198 17.81 2.77 13.63
CA TRP B 198 17.81 3.26 12.25
C TRP B 198 18.70 4.49 12.04
N THR B 199 19.53 4.80 13.02
CA THR B 199 20.38 5.99 12.92
C THR B 199 21.28 5.88 11.69
N ASP B 200 21.37 6.97 10.94
CA ASP B 200 22.15 7.03 9.71
C ASP B 200 21.30 6.64 8.51
N VAL B 201 20.07 6.20 8.77
CA VAL B 201 19.20 5.74 7.69
C VAL B 201 18.02 6.66 7.42
N LEU B 202 17.38 7.14 8.47
CA LEU B 202 16.17 7.95 8.31
C LEU B 202 16.51 9.41 8.02
N ALA B 203 15.64 10.09 7.28
CA ALA B 203 15.75 11.53 7.10
C ALA B 203 15.66 12.19 8.47
N ALA B 204 16.49 13.22 8.69
CA ALA B 204 16.49 13.93 9.97
C ALA B 204 15.45 15.04 9.96
N GLN B 205 14.38 14.87 10.72
CA GLN B 205 13.27 15.82 10.68
C GLN B 205 13.29 16.67 11.94
N VAL B 206 12.41 17.66 12.01
CA VAL B 206 12.41 18.56 13.16
C VAL B 206 11.32 18.16 14.14
N PHE B 207 11.69 17.86 15.39
CA PHE B 207 10.70 17.44 16.39
C PHE B 207 10.49 18.47 17.48
N ALA B 208 9.24 18.86 17.66
CA ALA B 208 8.86 19.70 18.80
C ALA B 208 8.54 18.78 19.96
N PRO B 209 8.49 19.32 21.18
CA PRO B 209 8.17 18.50 22.35
C PRO B 209 6.74 17.94 22.28
N GLN B 210 6.52 16.84 22.99
CA GLN B 210 5.20 16.23 23.17
C GLN B 210 4.14 17.30 23.45
N VAL B 211 3.09 17.32 22.64
CA VAL B 211 2.00 18.26 22.83
C VAL B 211 1.24 17.81 24.07
N PRO B 212 0.97 18.74 24.99
CA PRO B 212 0.29 18.41 26.26
C PRO B 212 -1.20 18.17 26.09
N ARG B 213 -1.86 17.57 27.07
CA ARG B 213 -3.29 17.37 26.97
C ARG B 213 -4.04 18.69 27.06
N ASP B 214 -3.76 19.45 28.11
CA ASP B 214 -4.48 20.70 28.34
C ASP B 214 -3.83 21.87 27.60
N TYR B 215 -4.65 22.81 27.17
CA TYR B 215 -4.15 23.91 26.36
C TYR B 215 -3.24 24.83 27.15
N ASP B 216 -2.03 25.05 26.63
CA ASP B 216 -1.06 25.94 27.23
C ASP B 216 -0.45 26.79 26.12
N PRO B 217 -0.81 28.07 26.06
CA PRO B 217 -0.34 29.00 25.02
C PRO B 217 1.17 29.03 24.93
N ALA B 218 1.83 28.75 26.06
CA ALA B 218 3.29 28.72 26.08
C ALA B 218 3.82 27.63 25.16
N TYR B 219 3.10 26.53 25.05
CA TYR B 219 3.55 25.44 24.19
C TYR B 219 3.55 25.89 22.74
N SER B 220 2.48 26.55 22.33
CA SER B 220 2.36 27.03 20.96
C SER B 220 3.38 28.13 20.63
N ALA B 221 3.66 29.00 21.61
CA ALA B 221 4.70 30.02 21.42
C ALA B 221 6.06 29.38 21.18
N ALA B 222 6.36 28.35 21.96
CA ALA B 222 7.63 27.64 21.83
C ALA B 222 7.73 26.88 20.49
N PHE B 223 6.62 26.28 20.09
CA PHE B 223 6.55 25.58 18.81
C PHE B 223 6.84 26.58 17.69
N GLU B 224 6.19 27.73 17.77
CA GLU B 224 6.38 28.79 16.78
C GLU B 224 7.85 29.22 16.70
N ALA B 225 8.47 29.41 17.85
CA ALA B 225 9.87 29.84 17.90
C ALA B 225 10.79 28.81 17.24
N GLN B 226 10.54 27.53 17.51
CA GLN B 226 11.35 26.47 16.93
C GLN B 226 11.15 26.40 15.41
N LEU B 227 9.88 26.45 14.99
CA LEU B 227 9.56 26.43 13.56
C LEU B 227 10.18 27.63 12.85
N ALA B 228 10.13 28.80 13.48
CA ALA B 228 10.60 30.01 12.84
C ALA B 228 12.05 29.88 12.41
N GLN B 229 12.88 29.23 13.21
CA GLN B 229 14.29 29.17 12.88
C GLN B 229 14.55 28.16 11.77
N HIS B 230 13.58 27.30 11.51
CA HIS B 230 13.72 26.28 10.47
C HIS B 230 12.87 26.57 9.24
N ALA B 231 12.13 27.68 9.24
CA ALA B 231 11.09 27.89 8.24
C ALA B 231 11.60 27.77 6.81
N GLY B 232 12.80 28.28 6.54
CA GLY B 232 13.36 28.29 5.19
C GLY B 232 13.79 26.91 4.72
N GLU B 233 13.77 25.96 5.65
CA GLU B 233 14.16 24.57 5.43
C GLU B 233 12.94 23.65 5.48
N LEU B 234 11.79 24.18 5.87
CA LEU B 234 10.62 23.33 6.12
C LEU B 234 9.58 23.38 5.01
N ALA B 235 9.20 22.20 4.52
CA ALA B 235 8.11 22.08 3.56
C ALA B 235 6.76 22.04 4.26
N ALA B 236 6.71 21.39 5.42
CA ALA B 236 5.42 21.16 6.04
C ALA B 236 5.55 20.76 7.51
N VAL B 237 4.50 21.05 8.27
CA VAL B 237 4.28 20.47 9.58
C VAL B 237 3.29 19.33 9.35
N VAL B 238 3.59 18.16 9.93
CA VAL B 238 2.70 17.00 9.81
C VAL B 238 2.31 16.53 11.20
N VAL B 239 1.01 16.46 11.50
CA VAL B 239 0.56 15.97 12.79
C VAL B 239 -0.72 15.16 12.69
N GLU B 240 -0.97 14.31 13.69
CA GLU B 240 -2.29 13.71 13.88
C GLU B 240 -3.11 14.70 14.70
N PRO B 241 -4.28 15.10 14.20
CA PRO B 241 -5.10 16.09 14.91
C PRO B 241 -5.90 15.48 16.08
N VAL B 242 -5.77 16.08 17.26
CA VAL B 242 -6.57 15.74 18.44
C VAL B 242 -6.16 14.44 19.15
N VAL B 243 -6.05 13.36 18.39
CA VAL B 243 -5.69 12.07 18.97
C VAL B 243 -4.45 11.50 18.29
N GLN B 244 -3.46 11.15 19.10
CA GLN B 244 -2.28 10.44 18.60
C GLN B 244 -2.52 8.99 18.92
N GLY B 245 -2.63 8.18 17.88
CA GLY B 245 -3.03 6.80 18.04
C GLY B 245 -1.91 5.84 18.42
N ALA B 246 -1.18 5.36 17.43
CA ALA B 246 -0.22 4.30 17.65
C ALA B 246 0.93 4.73 18.54
N GLY B 247 1.17 6.04 18.60
CA GLY B 247 2.28 6.56 19.38
C GLY B 247 2.01 6.58 20.88
N GLY B 248 0.78 6.31 21.29
CA GLY B 248 0.45 6.29 22.70
C GLY B 248 -0.95 6.67 23.13
N MET B 249 -1.90 6.68 22.19
CA MET B 249 -3.30 6.99 22.50
C MET B 249 -3.42 8.24 23.40
N ARG B 250 -2.80 9.34 22.98
CA ARG B 250 -2.80 10.59 23.75
C ARG B 250 -3.73 11.57 23.08
N PHE B 251 -4.42 12.37 23.88
CA PHE B 251 -5.32 13.37 23.34
C PHE B 251 -4.76 14.76 23.65
N HIS B 252 -5.00 15.72 22.76
CA HIS B 252 -4.60 17.11 23.03
C HIS B 252 -5.71 18.08 22.67
N ASP B 253 -5.74 19.23 23.34
CA ASP B 253 -6.75 20.25 23.07
C ASP B 253 -6.73 20.67 21.60
N PRO B 254 -7.90 20.67 20.95
CA PRO B 254 -8.00 21.06 19.54
C PRO B 254 -7.50 22.47 19.28
N ARG B 255 -7.48 23.32 20.30
CA ARG B 255 -6.98 24.68 20.13
C ARG B 255 -5.53 24.71 19.60
N TYR B 256 -4.76 23.68 19.92
CA TYR B 256 -3.39 23.61 19.41
C TYR B 256 -3.39 23.60 17.88
N LEU B 257 -4.40 22.97 17.30
CA LEU B 257 -4.50 22.84 15.84
C LEU B 257 -4.79 24.20 15.25
N HIS B 258 -5.59 24.98 15.95
CA HIS B 258 -5.83 26.36 15.54
C HIS B 258 -4.50 27.13 15.53
N ASP B 259 -3.70 26.95 16.58
CA ASP B 259 -2.40 27.59 16.64
C ASP B 259 -1.48 27.17 15.49
N LEU B 260 -1.40 25.87 15.22
CA LEU B 260 -0.55 25.38 14.13
C LEU B 260 -0.95 25.98 12.80
N ARG B 261 -2.26 26.00 12.52
CA ARG B 261 -2.76 26.57 11.26
C ARG B 261 -2.29 28.02 11.12
N ASP B 262 -2.36 28.75 12.22
CA ASP B 262 -1.94 30.15 12.25
C ASP B 262 -0.42 30.29 12.07
N ILE B 263 0.35 29.51 12.82
CA ILE B 263 1.81 29.54 12.67
C ILE B 263 2.24 29.18 11.26
N CYS B 264 1.64 28.13 10.70
CA CYS B 264 1.99 27.73 9.34
C CYS B 264 1.68 28.81 8.33
N ARG B 265 0.53 29.45 8.48
CA ARG B 265 0.16 30.54 7.58
C ARG B 265 1.19 31.66 7.62
N ARG B 266 1.50 32.14 8.82
CA ARG B 266 2.43 33.26 8.97
C ARG B 266 3.87 32.97 8.56
N TYR B 267 4.32 31.73 8.68
CA TYR B 267 5.70 31.40 8.30
C TYR B 267 5.84 30.67 6.96
N GLU B 268 4.73 30.50 6.25
CA GLU B 268 4.77 29.91 4.92
C GLU B 268 5.32 28.49 4.97
N VAL B 269 4.65 27.65 5.73
CA VAL B 269 4.95 26.21 5.80
C VAL B 269 3.59 25.54 5.64
N LEU B 270 3.51 24.48 4.85
CA LEU B 270 2.21 23.82 4.65
C LEU B 270 1.80 23.07 5.92
N LEU B 271 0.50 22.90 6.12
CA LEU B 271 -0.01 22.07 7.23
C LEU B 271 -0.64 20.79 6.69
N ILE B 272 -0.14 19.66 7.17
CA ILE B 272 -0.67 18.35 6.77
C ILE B 272 -1.31 17.66 7.99
N PHE B 273 -2.59 17.32 7.91
CA PHE B 273 -3.21 16.51 8.95
C PHE B 273 -3.29 15.05 8.52
N ASP B 274 -2.74 14.18 9.35
CA ASP B 274 -2.86 12.76 9.15
C ASP B 274 -4.08 12.27 9.91
N GLU B 275 -5.20 12.12 9.21
CA GLU B 275 -6.43 11.65 9.85
C GLU B 275 -6.72 10.18 9.53
N ILE B 276 -5.66 9.40 9.33
CA ILE B 276 -5.84 7.99 8.97
C ILE B 276 -6.53 7.21 10.10
N ALA B 277 -6.28 7.59 11.35
CA ALA B 277 -6.93 6.94 12.49
C ALA B 277 -8.15 7.70 13.02
N THR B 278 -8.13 9.03 12.90
CA THR B 278 -9.16 9.88 13.49
C THR B 278 -10.38 10.08 12.58
N GLY B 279 -10.28 9.68 11.32
CA GLY B 279 -11.30 9.99 10.34
C GLY B 279 -12.66 9.33 10.56
N PHE B 280 -13.65 9.82 9.82
CA PHE B 280 -14.98 9.18 9.77
C PHE B 280 -15.70 8.97 11.10
N GLY B 281 -15.69 10.02 11.93
CA GLY B 281 -16.53 10.08 13.12
C GLY B 281 -15.89 9.68 14.43
N ARG B 282 -14.73 9.04 14.36
CA ARG B 282 -14.16 8.32 15.50
C ARG B 282 -14.01 9.18 16.78
N THR B 283 -13.62 10.44 16.63
CA THR B 283 -13.38 11.31 17.77
C THR B 283 -14.60 12.16 18.17
N GLY B 284 -15.74 11.92 17.55
CA GLY B 284 -16.94 12.67 17.86
C GLY B 284 -17.23 13.78 16.85
N ALA B 285 -16.31 13.99 15.92
CA ALA B 285 -16.52 14.90 14.81
C ALA B 285 -16.22 14.11 13.55
N LEU B 286 -16.72 14.56 12.41
CA LEU B 286 -16.56 13.75 11.20
C LEU B 286 -15.07 13.57 10.93
N PHE B 287 -14.33 14.66 11.06
CA PHE B 287 -12.87 14.61 11.02
C PHE B 287 -12.39 15.44 12.19
N ALA B 288 -11.32 14.98 12.83
CA ALA B 288 -10.87 15.60 14.07
C ALA B 288 -10.56 17.08 13.88
N ALA B 289 -10.15 17.44 12.67
CA ALA B 289 -9.85 18.84 12.37
C ALA B 289 -11.06 19.71 12.69
N ASP B 290 -12.25 19.13 12.53
CA ASP B 290 -13.49 19.85 12.73
C ASP B 290 -13.65 20.33 14.17
N HIS B 291 -13.01 19.64 15.12
CA HIS B 291 -13.04 20.05 16.52
C HIS B 291 -12.41 21.43 16.67
N ALA B 292 -11.45 21.72 15.79
CA ALA B 292 -10.71 22.98 15.84
C ALA B 292 -11.27 24.00 14.87
N GLY B 293 -12.02 23.53 13.88
CA GLY B 293 -12.57 24.39 12.85
C GLY B 293 -11.49 24.89 11.90
N VAL B 294 -10.44 24.11 11.72
CA VAL B 294 -9.40 24.50 10.78
C VAL B 294 -9.27 23.49 9.64
N SER B 295 -8.68 23.95 8.54
CA SER B 295 -8.47 23.12 7.36
C SER B 295 -6.98 23.06 7.08
N PRO B 296 -6.44 21.85 6.92
CA PRO B 296 -5.02 21.75 6.59
C PRO B 296 -4.85 22.01 5.08
N ASP B 297 -3.61 22.09 4.61
CA ASP B 297 -3.35 22.23 3.19
C ASP B 297 -3.44 20.88 2.49
N ILE B 298 -3.10 19.82 3.23
CA ILE B 298 -3.09 18.44 2.72
C ILE B 298 -3.60 17.55 3.86
N MET B 299 -4.32 16.49 3.50
CA MET B 299 -4.92 15.61 4.51
C MET B 299 -4.87 14.16 4.04
N CYS B 300 -4.57 13.24 4.95
CA CYS B 300 -4.55 11.82 4.63
C CYS B 300 -5.69 11.13 5.36
N VAL B 301 -6.38 10.24 4.66
CA VAL B 301 -7.37 9.38 5.30
C VAL B 301 -7.16 7.93 4.88
N GLY B 302 -7.69 7.03 5.69
CA GLY B 302 -7.47 5.61 5.46
C GLY B 302 -8.28 4.77 6.44
N LYS B 303 -7.65 3.71 6.93
CA LYS B 303 -8.26 2.76 7.87
C LYS B 303 -9.79 2.59 7.71
N ALA B 304 -10.58 3.45 8.34
CA ALA B 304 -12.04 3.27 8.33
C ALA B 304 -12.72 3.65 7.02
N LEU B 305 -11.94 4.22 6.10
CA LEU B 305 -12.44 4.64 4.79
C LEU B 305 -13.29 3.56 4.12
N THR B 306 -12.82 2.31 4.14
CA THR B 306 -13.54 1.22 3.46
C THR B 306 -14.42 0.45 4.42
N GLY B 307 -14.58 0.96 5.64
CA GLY B 307 -15.33 0.23 6.65
C GLY B 307 -14.57 -1.02 7.06
N GLY B 308 -13.28 -1.03 6.78
CA GLY B 308 -12.44 -2.13 7.18
C GLY B 308 -12.50 -3.38 6.33
N TYR B 309 -13.01 -3.25 5.10
CA TYR B 309 -13.08 -4.39 4.19
C TYR B 309 -11.78 -4.63 3.42
N LEU B 310 -11.21 -3.54 2.92
CA LEU B 310 -10.08 -3.61 2.00
C LEU B 310 -9.16 -2.44 2.23
N SER B 311 -7.90 -2.59 1.85
CA SER B 311 -6.94 -1.49 1.98
C SER B 311 -7.24 -0.42 0.94
N LEU B 312 -7.50 0.79 1.41
CA LEU B 312 -7.59 1.97 0.55
C LEU B 312 -7.23 3.19 1.39
N ALA B 313 -6.59 4.17 0.75
CA ALA B 313 -6.27 5.42 1.42
C ALA B 313 -6.41 6.56 0.43
N ALA B 314 -6.40 7.78 0.93
CA ALA B 314 -6.44 8.92 0.02
C ALA B 314 -5.71 10.11 0.61
N THR B 315 -5.14 10.94 -0.26
CA THR B 315 -4.50 12.17 0.17
C THR B 315 -5.24 13.28 -0.55
N LEU B 316 -5.77 14.23 0.21
CA LEU B 316 -6.50 15.35 -0.37
C LEU B 316 -5.67 16.61 -0.25
N CYS B 317 -5.78 17.50 -1.23
CA CYS B 317 -5.12 18.78 -1.10
C CYS B 317 -6.00 19.92 -1.61
N THR B 318 -5.57 21.14 -1.33
CA THR B 318 -6.31 22.32 -1.73
C THR B 318 -6.08 22.59 -3.22
N ALA B 319 -6.90 23.45 -3.80
CA ALA B 319 -6.74 23.88 -5.18
C ALA B 319 -5.37 24.54 -5.39
N ASP B 320 -4.97 25.34 -4.41
CA ASP B 320 -3.68 26.04 -4.47
C ASP B 320 -2.54 25.05 -4.53
N VAL B 321 -2.56 24.05 -3.65
CA VAL B 321 -1.53 23.03 -3.71
C VAL B 321 -1.49 22.31 -5.06
N ALA B 322 -2.65 21.88 -5.55
CA ALA B 322 -2.71 21.11 -6.79
C ALA B 322 -2.17 21.90 -7.99
N HIS B 323 -2.61 23.14 -8.09
CA HIS B 323 -2.19 23.99 -9.21
C HIS B 323 -0.71 24.36 -9.13
N THR B 324 -0.21 24.61 -7.92
CA THR B 324 1.19 25.01 -7.76
C THR B 324 2.12 23.85 -8.12
N ILE B 325 1.72 22.64 -7.77
CA ILE B 325 2.43 21.46 -8.24
C ILE B 325 2.31 21.43 -9.78
N SER B 326 1.09 21.53 -10.29
CA SER B 326 0.84 21.31 -11.72
C SER B 326 1.43 22.41 -12.60
N ALA B 327 1.65 23.59 -12.03
CA ALA B 327 2.22 24.71 -12.77
C ALA B 327 3.74 24.72 -12.65
N GLY B 328 4.28 23.76 -11.89
CA GLY B 328 5.71 23.67 -11.73
C GLY B 328 6.41 23.19 -12.99
N ALA B 329 7.64 23.64 -13.20
CA ALA B 329 8.45 23.18 -14.32
C ALA B 329 8.62 21.67 -14.23
N ALA B 330 8.74 21.17 -12.99
CA ALA B 330 8.75 19.74 -12.73
C ALA B 330 7.56 19.08 -13.40
N GLY B 331 6.40 19.70 -13.26
CA GLY B 331 5.20 19.19 -13.88
C GLY B 331 4.48 18.18 -13.01
N ALA B 332 4.25 16.99 -13.58
CA ALA B 332 3.34 16.03 -12.98
C ALA B 332 3.79 15.53 -11.61
N LEU B 333 2.83 15.11 -10.78
CA LEU B 333 3.14 14.42 -9.54
C LEU B 333 3.52 12.98 -9.90
N MET B 334 4.79 12.64 -9.77
CA MET B 334 5.23 11.32 -10.21
C MET B 334 4.93 10.24 -9.18
N HIS B 335 3.65 9.94 -9.03
CA HIS B 335 3.23 8.82 -8.19
C HIS B 335 2.04 8.17 -8.87
N GLY B 336 1.92 6.86 -8.72
CA GLY B 336 0.87 6.12 -9.40
C GLY B 336 0.85 4.65 -9.04
N PRO B 337 0.24 4.32 -7.89
CA PRO B 337 0.12 2.91 -7.47
C PRO B 337 -0.65 2.13 -8.52
N THR B 338 -0.18 0.92 -8.78
CA THR B 338 -0.83 0.04 -9.76
C THR B 338 -2.33 -0.07 -9.55
N PHE B 339 -2.75 -0.26 -8.31
CA PHE B 339 -4.16 -0.47 -8.04
C PHE B 339 -4.86 0.82 -7.65
N MET B 340 -4.27 1.94 -8.02
CA MET B 340 -4.90 3.24 -7.74
C MET B 340 -6.39 3.26 -8.09
N ALA B 341 -7.20 3.72 -7.13
CA ALA B 341 -8.63 3.91 -7.34
C ALA B 341 -9.40 2.64 -7.67
N ASN B 342 -8.92 1.51 -7.15
CA ASN B 342 -9.55 0.21 -7.34
C ASN B 342 -11.07 0.30 -7.21
N PRO B 343 -11.81 -0.07 -8.27
CA PRO B 343 -13.28 0.00 -8.21
C PRO B 343 -13.91 -0.73 -7.02
N LEU B 344 -13.43 -1.90 -6.63
CA LEU B 344 -14.04 -2.63 -5.51
C LEU B 344 -13.87 -1.88 -4.19
N ALA B 345 -12.65 -1.42 -3.93
CA ALA B 345 -12.37 -0.72 -2.69
C ALA B 345 -13.13 0.61 -2.66
N CYS B 346 -13.18 1.30 -3.80
CA CYS B 346 -13.90 2.55 -3.87
C CYS B 346 -15.38 2.32 -3.66
N ALA B 347 -15.92 1.24 -4.24
CA ALA B 347 -17.36 0.98 -4.15
C ALA B 347 -17.79 0.71 -2.73
N VAL B 348 -17.02 -0.10 -2.00
CA VAL B 348 -17.37 -0.37 -0.61
C VAL B 348 -17.23 0.92 0.24
N SER B 349 -16.20 1.73 -0.05
CA SER B 349 -15.99 2.98 0.69
CA SER B 349 -15.99 2.97 0.69
C SER B 349 -17.16 3.93 0.50
N VAL B 350 -17.63 4.04 -0.74
CA VAL B 350 -18.81 4.87 -1.03
C VAL B 350 -19.94 4.44 -0.10
N ALA B 351 -20.16 3.13 -0.02
CA ALA B 351 -21.27 2.60 0.78
C ALA B 351 -21.03 2.83 2.27
N SER B 352 -19.78 2.66 2.69
CA SER B 352 -19.44 2.88 4.09
C SER B 352 -19.65 4.34 4.48
N VAL B 353 -19.20 5.25 3.64
CA VAL B 353 -19.36 6.67 3.89
C VAL B 353 -20.85 7.06 3.88
N GLU B 354 -21.59 6.59 2.89
CA GLU B 354 -23.01 6.92 2.81
C GLU B 354 -23.79 6.39 4.01
N LEU B 355 -23.45 5.17 4.46
CA LEU B 355 -24.08 4.57 5.62
C LEU B 355 -23.85 5.43 6.88
N LEU B 356 -22.64 5.95 7.01
CA LEU B 356 -22.30 6.80 8.15
C LEU B 356 -23.08 8.12 8.10
N LEU B 357 -23.13 8.71 6.92
CA LEU B 357 -23.78 10.00 6.72
C LEU B 357 -25.31 9.90 6.79
N GLY B 358 -25.84 8.74 6.49
CA GLY B 358 -27.28 8.55 6.43
C GLY B 358 -27.91 8.25 7.78
N GLN B 359 -27.09 8.22 8.83
CA GLN B 359 -27.60 7.99 10.17
C GLN B 359 -27.22 9.16 11.08
N ASP B 360 -27.81 9.24 12.27
CA ASP B 360 -27.42 10.30 13.21
C ASP B 360 -26.13 9.84 13.91
N TRP B 361 -25.03 9.91 13.15
CA TRP B 361 -23.75 9.40 13.64
C TRP B 361 -23.23 10.16 14.84
N ARG B 362 -23.56 11.45 14.91
CA ARG B 362 -23.06 12.27 16.01
C ARG B 362 -23.64 11.77 17.33
N THR B 363 -24.93 11.45 17.34
CA THR B 363 -25.58 10.94 18.53
C THR B 363 -25.04 9.55 18.89
N ARG B 364 -24.80 8.73 17.88
CA ARG B 364 -24.28 7.39 18.13
C ARG B 364 -22.93 7.47 18.83
N ILE B 365 -22.05 8.36 18.37
CA ILE B 365 -20.72 8.48 18.99
C ILE B 365 -20.79 9.07 20.40
N THR B 366 -21.64 10.07 20.57
CA THR B 366 -21.84 10.63 21.91
C THR B 366 -22.29 9.57 22.88
N GLU B 367 -23.22 8.71 22.45
CA GLU B 367 -23.67 7.60 23.29
C GLU B 367 -22.53 6.64 23.64
N LEU B 368 -21.78 6.22 22.61
CA LEU B 368 -20.60 5.39 22.82
C LEU B 368 -19.61 6.01 23.79
N ALA B 369 -19.34 7.30 23.62
CA ALA B 369 -18.46 8.02 24.51
C ALA B 369 -18.97 7.95 25.96
N ALA B 370 -20.28 8.06 26.13
CA ALA B 370 -20.89 8.00 27.45
C ALA B 370 -20.75 6.61 28.09
N GLY B 371 -20.98 5.58 27.28
CA GLY B 371 -20.86 4.21 27.74
C GLY B 371 -19.43 3.88 28.14
N LEU B 372 -18.47 4.38 27.36
CA LEU B 372 -17.07 4.17 27.70
C LEU B 372 -16.72 4.88 29.00
N THR B 373 -17.16 6.13 29.14
CA THR B 373 -16.88 6.89 30.35
C THR B 373 -17.45 6.20 31.59
N ALA B 374 -18.73 5.84 31.51
CA ALA B 374 -19.40 5.13 32.60
C ALA B 374 -18.69 3.83 32.92
N GLY B 375 -18.43 3.03 31.89
CA GLY B 375 -17.82 1.73 32.09
C GLY B 375 -16.40 1.74 32.63
N LEU B 376 -15.62 2.75 32.24
CA LEU B 376 -14.21 2.80 32.62
C LEU B 376 -13.97 3.52 33.95
N ASP B 377 -15.00 4.19 34.44
CA ASP B 377 -14.90 5.05 35.62
C ASP B 377 -14.28 4.35 36.84
N THR B 378 -14.62 3.08 37.04
CA THR B 378 -14.12 2.38 38.24
C THR B 378 -12.61 2.12 38.21
N ALA B 379 -12.01 2.16 37.02
CA ALA B 379 -10.58 1.86 36.91
C ALA B 379 -9.72 3.00 37.47
N ARG B 380 -10.29 4.19 37.54
CA ARG B 380 -9.54 5.37 37.93
C ARG B 380 -8.96 5.24 39.35
N ALA B 381 -9.61 4.43 40.17
CA ALA B 381 -9.21 4.24 41.56
C ALA B 381 -8.35 2.99 41.75
N LEU B 382 -8.10 2.25 40.67
CA LEU B 382 -7.24 1.08 40.71
C LEU B 382 -5.78 1.49 40.94
N PRO B 383 -5.03 0.67 41.71
CA PRO B 383 -3.67 1.02 42.13
C PRO B 383 -2.67 1.22 40.98
N ALA B 384 -2.77 0.45 39.91
CA ALA B 384 -1.81 0.54 38.82
C ALA B 384 -2.18 1.59 37.76
N VAL B 385 -3.36 2.16 37.90
CA VAL B 385 -3.90 3.08 36.89
C VAL B 385 -3.49 4.54 37.11
N THR B 386 -2.90 5.14 36.08
CA THR B 386 -2.46 6.54 36.14
C THR B 386 -3.43 7.51 35.50
N ASP B 387 -4.15 7.06 34.47
CA ASP B 387 -5.13 7.93 33.83
C ASP B 387 -6.24 7.11 33.20
N VAL B 388 -7.43 7.70 33.15
CA VAL B 388 -8.52 7.16 32.34
C VAL B 388 -9.05 8.28 31.47
N ARG B 389 -9.07 8.05 30.16
CA ARG B 389 -9.50 9.10 29.24
C ARG B 389 -10.37 8.56 28.11
N VAL B 390 -11.34 9.37 27.69
CA VAL B 390 -12.23 9.02 26.59
C VAL B 390 -12.35 10.18 25.62
N CYS B 391 -12.32 9.89 24.33
CA CYS B 391 -12.56 10.91 23.32
C CYS B 391 -13.37 10.30 22.19
N GLY B 392 -14.64 10.70 22.07
CA GLY B 392 -15.55 10.04 21.16
C GLY B 392 -15.57 8.54 21.44
N ALA B 393 -15.48 7.73 20.39
CA ALA B 393 -15.53 6.29 20.54
C ALA B 393 -14.15 5.72 20.76
N ILE B 394 -13.42 6.33 21.69
CA ILE B 394 -12.08 5.86 22.07
C ILE B 394 -11.98 5.88 23.59
N GLY B 395 -11.62 4.74 24.17
CA GLY B 395 -11.47 4.69 25.62
C GLY B 395 -10.11 4.14 25.98
N VAL B 396 -9.44 4.76 26.95
CA VAL B 396 -8.08 4.37 27.29
C VAL B 396 -7.87 4.32 28.80
N ILE B 397 -7.29 3.21 29.26
CA ILE B 397 -6.78 3.13 30.63
C ILE B 397 -5.26 3.08 30.53
N GLU B 398 -4.60 4.08 31.11
CA GLU B 398 -3.14 4.09 31.14
C GLU B 398 -2.64 3.63 32.50
N CYS B 399 -1.77 2.61 32.50
CA CYS B 399 -1.24 2.04 33.74
C CYS B 399 0.16 2.54 34.06
N ASP B 400 0.65 2.22 35.26
CA ASP B 400 1.96 2.68 35.70
C ASP B 400 3.06 1.66 35.41
N ARG B 401 2.79 0.72 34.50
CA ARG B 401 3.75 -0.30 34.15
C ARG B 401 3.24 -1.03 32.93
N PRO B 402 4.13 -1.71 32.19
CA PRO B 402 3.72 -2.46 30.99
C PRO B 402 2.65 -3.48 31.32
N VAL B 403 1.72 -3.69 30.41
CA VAL B 403 0.67 -4.70 30.59
C VAL B 403 1.16 -6.05 30.06
N ASP B 404 1.16 -7.07 30.91
CA ASP B 404 1.60 -8.39 30.48
C ASP B 404 0.51 -9.08 29.65
N LEU B 405 0.81 -9.33 28.38
CA LEU B 405 -0.16 -9.92 27.47
C LEU B 405 -0.54 -11.35 27.84
N ALA B 406 0.38 -12.08 28.45
CA ALA B 406 0.12 -13.46 28.86
C ALA B 406 -0.91 -13.51 29.98
N VAL B 407 -1.08 -12.40 30.68
CA VAL B 407 -2.10 -12.28 31.70
C VAL B 407 -3.36 -11.64 31.13
N ALA B 408 -3.17 -10.57 30.35
CA ALA B 408 -4.29 -9.76 29.86
C ALA B 408 -5.22 -10.50 28.89
N THR B 409 -4.64 -11.24 27.94
CA THR B 409 -5.44 -11.85 26.89
C THR B 409 -6.41 -12.93 27.37
N PRO B 410 -5.92 -13.89 28.17
CA PRO B 410 -6.85 -14.93 28.64
C PRO B 410 -7.93 -14.34 29.53
N ALA B 411 -7.60 -13.27 30.24
CA ALA B 411 -8.58 -12.59 31.07
C ALA B 411 -9.69 -12.01 30.19
N ALA B 412 -9.27 -11.28 29.16
CA ALA B 412 -10.22 -10.63 28.27
C ALA B 412 -11.08 -11.66 27.54
N LEU B 413 -10.45 -12.73 27.04
CA LEU B 413 -11.17 -13.81 26.37
C LEU B 413 -12.20 -14.50 27.26
N ASP B 414 -11.86 -14.72 28.53
CA ASP B 414 -12.82 -15.27 29.48
C ASP B 414 -14.06 -14.40 29.50
N ARG B 415 -13.87 -13.11 29.25
CA ARG B 415 -14.98 -12.18 29.31
C ARG B 415 -15.58 -11.86 27.95
N GLY B 416 -15.26 -12.67 26.95
CA GLY B 416 -15.86 -12.53 25.63
C GLY B 416 -15.37 -11.33 24.85
N VAL B 417 -14.13 -10.90 25.11
CA VAL B 417 -13.62 -9.67 24.47
C VAL B 417 -12.23 -9.87 23.90
N TRP B 418 -12.03 -9.40 22.67
CA TRP B 418 -10.68 -9.37 22.08
C TRP B 418 -10.09 -7.99 22.28
N LEU B 419 -9.10 -7.91 23.17
CA LEU B 419 -8.39 -6.68 23.45
C LEU B 419 -6.92 -6.84 23.09
N ARG B 420 -6.31 -5.75 22.62
CA ARG B 420 -4.89 -5.74 22.28
C ARG B 420 -4.16 -4.60 23.01
N PRO B 421 -3.76 -4.82 24.26
CA PRO B 421 -3.05 -3.75 24.94
C PRO B 421 -1.66 -3.57 24.32
N PHE B 422 -1.08 -2.39 24.44
CA PHE B 422 0.32 -2.20 24.09
C PHE B 422 1.00 -1.27 25.10
N ARG B 423 2.24 -1.58 25.43
CA ARG B 423 2.97 -0.84 26.44
C ARG B 423 2.18 -0.82 27.74
N ASN B 424 1.86 0.36 28.26
CA ASN B 424 1.13 0.46 29.52
C ASN B 424 -0.33 0.83 29.31
N LEU B 425 -0.86 0.51 28.13
CA LEU B 425 -2.17 1.00 27.73
C LEU B 425 -3.17 -0.11 27.55
N VAL B 426 -4.31 0.00 28.20
CA VAL B 426 -5.44 -0.87 27.88
C VAL B 426 -6.49 0.02 27.23
N TYR B 427 -6.84 -0.28 25.98
CA TYR B 427 -7.71 0.65 25.26
C TYR B 427 -8.61 -0.06 24.25
N ALA B 428 -9.60 0.69 23.78
CA ALA B 428 -10.55 0.16 22.82
C ALA B 428 -11.03 1.27 21.89
N MET B 429 -11.39 0.88 20.67
CA MET B 429 -12.06 1.78 19.76
C MET B 429 -13.13 0.93 19.09
N PRO B 430 -14.28 0.81 19.76
CA PRO B 430 -15.30 -0.18 19.37
C PRO B 430 -16.03 0.21 18.10
N PRO B 431 -16.58 -0.79 17.40
CA PRO B 431 -17.45 -0.51 16.26
C PRO B 431 -18.61 0.40 16.67
N TYR B 432 -19.02 1.26 15.75
CA TYR B 432 -20.07 2.22 16.05
C TYR B 432 -21.39 1.51 16.32
N ILE B 433 -21.49 0.26 15.88
CA ILE B 433 -22.75 -0.48 16.01
C ILE B 433 -22.88 -1.20 17.36
N CYS B 434 -21.87 -1.09 18.22
CA CYS B 434 -21.95 -1.75 19.53
C CYS B 434 -23.14 -1.24 20.35
N THR B 435 -23.88 -2.17 20.96
CA THR B 435 -24.98 -1.81 21.83
C THR B 435 -24.47 -1.37 23.20
N PRO B 436 -25.33 -0.74 24.00
CA PRO B 436 -24.93 -0.42 25.37
C PRO B 436 -24.42 -1.65 26.11
N ALA B 437 -25.10 -2.78 25.95
CA ALA B 437 -24.68 -4.00 26.63
C ALA B 437 -23.26 -4.40 26.20
N GLU B 438 -22.96 -4.24 24.92
CA GLU B 438 -21.66 -4.63 24.39
C GLU B 438 -20.54 -3.71 24.90
N ILE B 439 -20.83 -2.42 24.95
CA ILE B 439 -19.88 -1.47 25.53
C ILE B 439 -19.64 -1.79 27.01
N THR B 440 -20.69 -2.17 27.73
CA THR B 440 -20.51 -2.57 29.13
C THR B 440 -19.59 -3.79 29.22
N GLN B 441 -19.77 -4.76 28.32
CA GLN B 441 -18.91 -5.94 28.31
C GLN B 441 -17.46 -5.57 28.03
N ILE B 442 -17.25 -4.72 27.03
CA ILE B 442 -15.89 -4.32 26.66
C ILE B 442 -15.17 -3.61 27.81
N THR B 443 -15.82 -2.62 28.39
CA THR B 443 -15.21 -1.86 29.47
C THR B 443 -14.97 -2.75 30.70
N SER B 444 -15.90 -3.64 31.00
CA SER B 444 -15.71 -4.51 32.15
C SER B 444 -14.46 -5.36 31.96
N ALA B 445 -14.20 -5.80 30.73
CA ALA B 445 -12.99 -6.56 30.47
C ALA B 445 -11.73 -5.68 30.62
N MET B 446 -11.81 -4.42 30.18
CA MET B 446 -10.70 -3.49 30.31
C MET B 446 -10.38 -3.21 31.79
N VAL B 447 -11.41 -2.96 32.58
CA VAL B 447 -11.23 -2.65 33.99
C VAL B 447 -10.59 -3.84 34.68
N GLU B 448 -11.02 -5.04 34.30
CA GLU B 448 -10.47 -6.25 34.87
C GLU B 448 -9.00 -6.43 34.49
N VAL B 449 -8.65 -6.11 33.25
CA VAL B 449 -7.25 -6.21 32.83
C VAL B 449 -6.39 -5.26 33.66
N ALA B 450 -6.92 -4.05 33.87
CA ALA B 450 -6.22 -3.05 34.67
C ALA B 450 -6.12 -3.48 36.14
N ARG B 451 -7.16 -4.14 36.64
CA ARG B 451 -7.15 -4.61 38.02
C ARG B 451 -6.05 -5.65 38.22
N LEU B 452 -5.90 -6.52 37.25
CA LEU B 452 -4.87 -7.55 37.30
C LEU B 452 -3.46 -6.96 37.18
N VAL B 453 -3.36 -5.76 36.65
CA VAL B 453 -2.07 -5.09 36.54
C VAL B 453 -1.58 -4.72 37.94
#